data_8UBV
#
_entry.id   8UBV
#
_cell.length_a   1.00
_cell.length_b   1.00
_cell.length_c   1.00
_cell.angle_alpha   90.00
_cell.angle_beta   90.00
_cell.angle_gamma   90.00
#
_symmetry.space_group_name_H-M   'P 1'
#
loop_
_entity.id
_entity.type
_entity.pdbx_description
1 polymer 'F-box/LRR-repeat protein 17'
2 polymer 'Transcription regulator protein BACH1'
#
loop_
_entity_poly.entity_id
_entity_poly.type
_entity_poly.pdbx_seq_one_letter_code
_entity_poly.pdbx_strand_id
1 'polypeptide(L)'
;CHREPPPETPDINQLPPSILLKIFSNLSLDERCLSASLVCKYWRDLCLDFQFWKQLDLSSRQQVTDELLEKIASRSQNII
EINISDCRSMSDNGVCVLAFKCPGLLRYTAYRCKQLSDTSIIAVASHCPLLQKVHVGNQDKLTDEGLKQLGSKCRELKDI
HFGQCYKISDEGMIVIAKGCLKLQRIYMQENKLVTDQSVKAFAEHCPELQYVGFMGCSVTSKGVIHLTKLRNLSSLDLRH
ITELDNETVMEIVKRCKNLSSLNLCLNWIINDRCVEVIAKEGQNLKELYLVSCKITDYALIAIGRYSMTIETVDVGWCKE
ITDQGATLIAQSSKSLRYLGLMRCDKVNEVTVEQLVQQYPHITFSTVLQDCKRTLERAYQMGWTPNMSAASS
;
B,H
2 'polypeptide(L)'
;SVFAYESSVHSTNVLLSLNDQRKKDVLCDVTIFVEGQRFRAHRSVLAACSSYFHSRIVGQADGELNITLPEEVTVKGFEP
LIQFAYTAKLILSKENVDEVCKCVEFLSVHNIEESCFQFLKF
;
C,I
#
# COMPACT_ATOMS: atom_id res chain seq x y z
N LYS A 54 50.24 -20.74 -8.60
CA LYS A 54 50.68 -19.68 -7.71
C LYS A 54 49.56 -18.69 -7.45
N GLN A 55 48.80 -18.38 -8.50
CA GLN A 55 47.68 -17.44 -8.40
C GLN A 55 46.59 -17.96 -9.33
N LEU A 56 45.63 -18.71 -8.78
CA LEU A 56 44.58 -19.25 -9.63
C LEU A 56 43.65 -18.15 -10.12
N ASP A 57 42.97 -17.50 -9.18
CA ASP A 57 42.05 -16.39 -9.49
C ASP A 57 41.09 -16.79 -10.61
N LEU A 58 40.52 -17.99 -10.46
CA LEU A 58 39.65 -18.59 -11.46
C LEU A 58 38.21 -18.10 -11.31
N SER A 59 38.03 -16.92 -10.74
CA SER A 59 36.71 -16.38 -10.45
C SER A 59 35.91 -16.13 -11.72
N SER A 60 34.60 -16.37 -11.63
CA SER A 60 33.65 -16.08 -12.70
C SER A 60 34.05 -16.81 -14.00
N ARG A 61 34.47 -18.06 -13.84
CA ARG A 61 34.80 -18.92 -14.97
C ARG A 61 33.57 -19.57 -15.59
N GLN A 62 32.39 -19.40 -15.00
CA GLN A 62 31.18 -20.05 -15.46
C GLN A 62 31.42 -21.51 -15.82
N GLN A 63 30.89 -21.96 -16.95
CA GLN A 63 30.97 -23.37 -17.35
C GLN A 63 32.18 -23.65 -18.25
N VAL A 64 33.38 -23.36 -17.77
CA VAL A 64 34.58 -23.57 -18.59
C VAL A 64 35.51 -24.56 -17.90
N THR A 65 35.41 -24.67 -16.58
CA THR A 65 36.29 -25.52 -15.78
C THR A 65 35.48 -26.70 -15.24
N ASP A 66 35.68 -27.88 -15.83
CA ASP A 66 35.02 -29.09 -15.37
C ASP A 66 36.02 -30.16 -14.94
N GLU A 67 37.01 -30.46 -15.77
CA GLU A 67 38.03 -31.46 -15.47
C GLU A 67 39.44 -30.92 -15.67
N LEU A 68 39.57 -29.66 -16.06
CA LEU A 68 40.84 -29.12 -16.54
C LEU A 68 41.92 -29.10 -15.47
N LEU A 69 41.55 -28.90 -14.20
CA LEU A 69 42.50 -28.60 -13.14
C LEU A 69 43.60 -29.65 -13.04
N GLU A 70 43.49 -30.73 -13.82
CA GLU A 70 44.51 -31.77 -13.88
C GLU A 70 45.85 -31.26 -14.39
N LYS A 71 45.88 -30.22 -15.23
CA LYS A 71 47.20 -29.71 -15.66
C LYS A 71 47.60 -28.37 -15.10
N ILE A 72 46.66 -27.56 -14.58
CA ILE A 72 47.09 -26.37 -13.85
C ILE A 72 47.98 -26.78 -12.69
N ALA A 73 47.52 -27.74 -11.90
CA ALA A 73 48.36 -28.44 -10.95
C ALA A 73 48.75 -29.77 -11.57
N SER A 74 49.42 -29.73 -12.72
CA SER A 74 49.80 -30.96 -13.39
C SER A 74 50.91 -31.66 -12.63
N ARG A 75 51.91 -30.90 -12.17
CA ARG A 75 52.89 -31.36 -11.21
C ARG A 75 52.83 -30.59 -9.91
N SER A 76 51.80 -29.78 -9.68
CA SER A 76 51.90 -28.72 -8.69
C SER A 76 51.80 -29.27 -7.27
N GLN A 77 52.55 -28.63 -6.39
CA GLN A 77 52.51 -28.91 -4.97
C GLN A 77 52.43 -27.66 -4.10
N ASN A 78 52.09 -26.49 -4.65
CA ASN A 78 52.04 -25.28 -3.84
C ASN A 78 50.93 -24.31 -4.24
N ILE A 79 49.71 -24.81 -4.46
CA ILE A 79 48.59 -23.95 -4.81
C ILE A 79 48.09 -23.24 -3.54
N ILE A 80 48.07 -21.90 -3.56
CA ILE A 80 47.75 -21.14 -2.36
C ILE A 80 46.76 -20.00 -2.65
N GLU A 81 46.30 -19.88 -3.89
CA GLU A 81 45.48 -18.74 -4.30
C GLU A 81 44.21 -19.22 -5.02
N ILE A 82 43.49 -20.17 -4.42
CA ILE A 82 42.28 -20.69 -5.03
C ILE A 82 41.14 -19.71 -4.76
N ASN A 83 40.66 -19.06 -5.82
CA ASN A 83 39.48 -18.19 -5.76
C ASN A 83 38.62 -18.57 -6.95
N ILE A 84 37.52 -19.27 -6.69
CA ILE A 84 36.65 -19.78 -7.74
C ILE A 84 35.30 -19.09 -7.62
N SER A 85 35.30 -17.84 -7.18
CA SER A 85 34.06 -17.15 -6.86
C SER A 85 33.17 -17.04 -8.09
N ASP A 86 31.86 -17.14 -7.83
CA ASP A 86 30.84 -17.22 -8.89
C ASP A 86 31.08 -18.42 -9.80
N CYS A 87 31.51 -19.53 -9.21
CA CYS A 87 31.66 -20.78 -9.96
C CYS A 87 30.29 -21.33 -10.31
N ARG A 88 30.18 -21.90 -11.50
CA ARG A 88 28.92 -22.49 -11.93
C ARG A 88 29.11 -23.76 -12.75
N SER A 89 30.30 -24.37 -12.73
CA SER A 89 30.61 -25.50 -13.59
C SER A 89 30.87 -26.78 -12.82
N MET A 90 31.80 -26.77 -11.88
CA MET A 90 32.22 -28.01 -11.24
C MET A 90 31.17 -28.52 -10.26
N SER A 91 31.32 -29.78 -9.87
CA SER A 91 30.42 -30.43 -8.94
C SER A 91 31.20 -30.96 -7.75
N ASP A 92 30.55 -31.77 -6.91
CA ASP A 92 31.23 -32.32 -5.74
C ASP A 92 32.44 -33.15 -6.17
N ASN A 93 32.31 -33.92 -7.25
CA ASN A 93 33.46 -34.58 -7.83
C ASN A 93 34.51 -33.56 -8.28
N GLY A 94 34.05 -32.44 -8.84
CA GLY A 94 34.95 -31.43 -9.36
C GLY A 94 35.78 -30.73 -8.31
N VAL A 95 35.38 -30.81 -7.04
CA VAL A 95 36.18 -30.24 -5.96
C VAL A 95 36.93 -31.35 -5.24
N CYS A 96 36.34 -32.55 -5.22
CA CYS A 96 36.97 -33.65 -4.49
C CYS A 96 38.18 -34.20 -5.24
N VAL A 97 38.22 -34.06 -6.56
CA VAL A 97 39.40 -34.50 -7.30
C VAL A 97 40.63 -33.70 -6.90
N LEU A 98 40.49 -32.38 -6.77
CA LEU A 98 41.60 -31.54 -6.31
C LEU A 98 41.82 -31.67 -4.82
N ALA A 99 40.76 -31.94 -4.05
CA ALA A 99 40.87 -31.97 -2.60
C ALA A 99 41.66 -33.18 -2.10
N PHE A 100 42.00 -34.12 -2.98
CA PHE A 100 42.72 -35.31 -2.55
C PHE A 100 44.07 -34.95 -1.91
N LYS A 101 44.80 -34.02 -2.53
CA LYS A 101 46.13 -33.65 -2.05
C LYS A 101 46.08 -32.43 -1.12
N CYS A 102 45.56 -31.31 -1.62
CA CYS A 102 45.52 -30.04 -0.92
C CYS A 102 46.89 -29.63 -0.39
N PRO A 103 47.83 -29.28 -1.25
CA PRO A 103 49.16 -28.93 -0.75
C PRO A 103 49.22 -27.52 -0.18
N GLY A 104 49.16 -27.41 1.15
CA GLY A 104 49.39 -26.15 1.82
C GLY A 104 48.52 -24.98 1.39
N LEU A 105 47.22 -25.21 1.22
CA LEU A 105 46.33 -24.13 0.80
C LEU A 105 46.28 -23.03 1.84
N LEU A 106 46.18 -21.79 1.37
CA LEU A 106 46.23 -20.65 2.28
C LEU A 106 45.04 -19.71 2.11
N ARG A 107 44.59 -19.51 0.88
CA ARG A 107 43.55 -18.53 0.58
C ARG A 107 42.40 -19.17 -0.17
N TYR A 108 41.90 -20.29 0.35
CA TYR A 108 40.70 -20.91 -0.21
C TYR A 108 39.52 -19.97 -0.09
N THR A 109 38.76 -19.83 -1.18
CA THR A 109 37.66 -18.88 -1.27
C THR A 109 36.72 -19.31 -2.38
N ALA A 110 35.40 -19.24 -2.12
CA ALA A 110 34.40 -19.56 -3.13
C ALA A 110 33.13 -18.78 -2.79
N TYR A 111 32.91 -17.67 -3.50
CA TYR A 111 31.73 -16.85 -3.32
C TYR A 111 30.59 -17.38 -4.17
N ARG A 112 29.41 -17.48 -3.57
CA ARG A 112 28.16 -17.78 -4.27
C ARG A 112 28.24 -19.08 -5.05
N CYS A 113 29.12 -20.00 -4.65
CA CYS A 113 29.17 -21.34 -5.26
C CYS A 113 28.05 -22.16 -4.63
N LYS A 114 26.83 -21.82 -5.04
CA LYS A 114 25.64 -22.38 -4.42
C LYS A 114 25.57 -23.89 -4.62
N GLN A 115 25.92 -24.35 -5.83
CA GLN A 115 25.78 -25.76 -6.18
C GLN A 115 26.75 -26.67 -5.43
N LEU A 116 27.85 -26.14 -4.90
CA LEU A 116 28.76 -26.97 -4.12
C LEU A 116 28.15 -27.27 -2.75
N SER A 117 28.51 -28.42 -2.21
CA SER A 117 27.87 -28.95 -1.01
C SER A 117 28.83 -28.88 0.17
N ASP A 118 28.37 -29.38 1.32
CA ASP A 118 29.21 -29.41 2.52
C ASP A 118 30.36 -30.40 2.38
N THR A 119 30.22 -31.39 1.50
CA THR A 119 31.32 -32.31 1.27
C THR A 119 32.54 -31.59 0.71
N SER A 120 32.32 -30.48 0.00
CA SER A 120 33.44 -29.66 -0.45
C SER A 120 34.24 -29.13 0.73
N ILE A 121 33.56 -28.55 1.72
CA ILE A 121 34.28 -28.01 2.86
C ILE A 121 34.91 -29.15 3.66
N ILE A 122 34.23 -30.31 3.74
CA ILE A 122 34.77 -31.46 4.44
C ILE A 122 36.09 -31.90 3.81
N ALA A 123 36.10 -32.05 2.49
CA ALA A 123 37.30 -32.50 1.82
C ALA A 123 38.41 -31.47 1.87
N VAL A 124 38.09 -30.18 1.70
CA VAL A 124 39.15 -29.17 1.66
C VAL A 124 39.71 -28.89 3.04
N ALA A 125 38.95 -29.13 4.11
CA ALA A 125 39.48 -28.96 5.45
C ALA A 125 40.09 -30.22 6.02
N SER A 126 39.78 -31.38 5.43
CA SER A 126 40.27 -32.67 5.92
C SER A 126 41.62 -33.05 5.34
N HIS A 127 42.16 -32.25 4.43
CA HIS A 127 43.30 -32.70 3.63
C HIS A 127 44.47 -31.72 3.66
N CYS A 128 44.33 -30.62 4.39
CA CYS A 128 45.44 -29.70 4.61
C CYS A 128 45.28 -29.04 5.97
N PRO A 129 46.19 -29.29 6.90
CA PRO A 129 46.04 -28.72 8.25
C PRO A 129 46.31 -27.23 8.26
N LEU A 130 46.72 -26.70 7.10
CA LEU A 130 47.14 -25.32 6.99
C LEU A 130 46.09 -24.54 6.21
N LEU A 131 45.71 -23.38 6.75
CA LEU A 131 44.74 -22.51 6.12
C LEU A 131 44.86 -21.11 6.72
N GLN A 132 44.73 -20.11 5.86
CA GLN A 132 44.89 -18.73 6.26
C GLN A 132 43.68 -17.85 5.93
N LYS A 133 42.84 -18.23 4.97
CA LYS A 133 41.65 -17.47 4.61
C LYS A 133 40.61 -18.43 4.07
N VAL A 134 39.40 -18.37 4.63
CA VAL A 134 38.34 -19.31 4.27
C VAL A 134 37.08 -18.57 3.84
N HIS A 135 37.24 -17.41 3.21
CA HIS A 135 36.07 -16.59 2.94
C HIS A 135 35.16 -17.23 1.89
N VAL A 136 34.35 -18.19 2.31
CA VAL A 136 33.33 -18.73 1.44
C VAL A 136 32.19 -17.74 1.35
N GLY A 137 31.35 -17.89 0.33
CA GLY A 137 30.35 -16.89 0.04
C GLY A 137 28.94 -17.28 0.44
N ASN A 138 27.96 -16.81 -0.35
CA ASN A 138 26.56 -16.95 -0.01
C ASN A 138 26.05 -18.37 -0.24
N GLN A 139 26.94 -19.32 -0.45
CA GLN A 139 26.54 -20.68 -0.81
C GLN A 139 25.66 -21.29 0.27
N ASP A 140 24.48 -21.76 -0.14
CA ASP A 140 23.49 -22.29 0.77
C ASP A 140 23.72 -23.78 0.98
N LYS A 141 22.74 -24.45 1.59
CA LYS A 141 22.75 -25.89 1.91
C LYS A 141 24.09 -26.34 2.48
N LEU A 142 24.74 -25.47 3.24
CA LEU A 142 25.99 -25.77 3.93
C LEU A 142 25.67 -25.97 5.41
N THR A 143 25.53 -27.23 5.81
CA THR A 143 25.20 -27.56 7.19
C THR A 143 26.38 -27.22 8.11
N ASP A 144 26.19 -27.53 9.39
CA ASP A 144 27.22 -27.23 10.39
C ASP A 144 28.11 -28.43 10.70
N GLU A 145 27.78 -29.62 10.24
CA GLU A 145 28.62 -30.79 10.49
C GLU A 145 29.98 -30.66 9.80
N GLY A 146 30.01 -30.12 8.59
CA GLY A 146 31.28 -29.92 7.91
C GLY A 146 32.15 -28.88 8.60
N LEU A 147 31.52 -27.81 9.12
CA LEU A 147 32.29 -26.80 9.82
C LEU A 147 32.86 -27.36 11.11
N LYS A 148 32.18 -28.35 11.71
CA LYS A 148 32.74 -29.08 12.84
C LYS A 148 34.08 -29.69 12.49
N GLN A 149 34.15 -30.40 11.36
CA GLN A 149 35.40 -31.02 10.95
C GLN A 149 36.44 -29.98 10.56
N LEU A 150 36.01 -28.87 9.95
CA LEU A 150 36.95 -27.81 9.61
C LEU A 150 37.64 -27.27 10.86
N GLY A 151 36.86 -27.06 11.93
CA GLY A 151 37.47 -26.70 13.19
C GLY A 151 38.32 -27.79 13.80
N SER A 152 37.91 -29.06 13.65
CA SER A 152 38.61 -30.15 14.32
C SER A 152 39.98 -30.42 13.70
N LYS A 153 40.09 -30.34 12.38
CA LYS A 153 41.33 -30.76 11.73
C LYS A 153 42.38 -29.64 11.77
N CYS A 154 42.09 -28.50 11.14
CA CYS A 154 43.05 -27.40 11.03
C CYS A 154 42.75 -26.38 12.12
N ARG A 155 43.46 -26.50 13.25
CA ARG A 155 43.30 -25.59 14.37
C ARG A 155 44.30 -24.43 14.32
N GLU A 156 44.40 -23.78 13.16
CA GLU A 156 45.29 -22.63 13.02
C GLU A 156 44.74 -21.53 12.12
N LEU A 157 43.50 -21.67 11.63
CA LEU A 157 42.90 -20.71 10.73
C LEU A 157 42.87 -19.32 11.36
N LYS A 158 42.98 -18.29 10.53
CA LYS A 158 43.13 -16.95 11.06
C LYS A 158 42.16 -15.91 10.50
N ASP A 159 41.30 -16.28 9.54
CA ASP A 159 40.41 -15.29 8.93
C ASP A 159 39.22 -16.02 8.32
N ILE A 160 38.00 -15.56 8.64
CA ILE A 160 36.78 -16.23 8.19
C ILE A 160 35.77 -15.21 7.68
N HIS A 161 34.84 -15.70 6.86
CA HIS A 161 33.71 -14.95 6.32
C HIS A 161 32.62 -15.95 5.94
N PHE A 162 31.55 -16.02 6.72
CA PHE A 162 30.47 -16.97 6.45
C PHE A 162 29.12 -16.25 6.39
N GLY A 163 29.05 -15.16 5.64
CA GLY A 163 27.78 -14.47 5.50
C GLY A 163 26.80 -15.27 4.65
N GLN A 164 25.51 -15.07 4.95
CA GLN A 164 24.41 -15.67 4.19
C GLN A 164 24.51 -17.19 4.16
N CYS A 165 24.89 -17.78 5.28
CA CYS A 165 24.85 -19.23 5.48
C CYS A 165 24.09 -19.47 6.79
N TYR A 166 22.77 -19.60 6.67
CA TYR A 166 21.89 -19.67 7.84
C TYR A 166 21.76 -21.10 8.36
N LYS A 167 22.93 -21.71 8.61
CA LYS A 167 23.01 -23.05 9.18
C LYS A 167 24.09 -23.12 10.24
N ILE A 168 24.65 -21.99 10.63
CA ILE A 168 25.82 -21.93 11.50
C ILE A 168 25.48 -21.14 12.76
N SER A 169 24.24 -21.27 13.22
CA SER A 169 23.71 -20.44 14.29
C SER A 169 24.59 -20.45 15.54
N ASP A 170 24.86 -21.62 16.10
CA ASP A 170 25.69 -21.71 17.30
C ASP A 170 26.81 -22.74 17.21
N GLU A 171 26.55 -23.91 16.62
CA GLU A 171 27.53 -24.98 16.68
C GLU A 171 28.82 -24.62 15.97
N GLY A 172 28.73 -23.90 14.86
CA GLY A 172 29.94 -23.41 14.21
C GLY A 172 30.75 -22.50 15.11
N MET A 173 30.07 -21.65 15.87
CA MET A 173 30.76 -20.77 16.80
C MET A 173 31.53 -21.55 17.85
N ILE A 174 30.90 -22.51 18.51
CA ILE A 174 31.63 -23.25 19.53
C ILE A 174 32.79 -24.01 18.88
N VAL A 175 32.55 -24.62 17.71
CA VAL A 175 33.55 -25.54 17.16
C VAL A 175 34.75 -24.77 16.63
N ILE A 176 34.55 -23.72 15.81
CA ILE A 176 35.67 -22.81 15.65
C ILE A 176 35.45 -21.65 16.59
N ALA A 177 35.51 -21.94 17.89
CA ALA A 177 36.03 -21.09 18.94
C ALA A 177 36.92 -21.86 19.90
N LYS A 178 36.74 -23.17 20.02
CA LYS A 178 37.55 -23.97 20.94
C LYS A 178 39.00 -24.05 20.47
N GLY A 179 39.26 -24.88 19.48
CA GLY A 179 40.62 -25.29 19.14
C GLY A 179 41.40 -24.27 18.36
N CYS A 180 40.81 -23.78 17.27
CA CYS A 180 41.42 -22.69 16.52
C CYS A 180 41.50 -21.44 17.39
N LEU A 181 42.64 -20.74 17.32
CA LEU A 181 42.81 -19.50 18.07
C LEU A 181 43.41 -18.37 17.26
N LYS A 182 44.12 -18.65 16.17
CA LYS A 182 44.92 -17.62 15.50
C LYS A 182 44.06 -16.65 14.66
N LEU A 183 42.74 -16.68 14.85
CA LEU A 183 41.81 -15.87 14.07
C LEU A 183 42.13 -14.37 14.17
N GLN A 184 41.88 -13.65 13.08
CA GLN A 184 42.09 -12.20 13.07
C GLN A 184 40.88 -11.39 12.64
N ARG A 185 40.19 -11.75 11.55
CA ARG A 185 39.11 -10.95 11.01
C ARG A 185 37.78 -11.71 11.12
N ILE A 186 36.71 -10.98 11.48
CA ILE A 186 35.38 -11.54 11.61
C ILE A 186 34.39 -10.72 10.79
N TYR A 187 33.61 -11.38 9.93
CA TYR A 187 32.53 -10.76 9.19
C TYR A 187 31.45 -11.80 8.93
N MET A 188 30.21 -11.44 9.29
CA MET A 188 29.04 -12.25 9.02
C MET A 188 27.97 -11.35 8.39
N GLN A 189 26.81 -11.92 8.09
CA GLN A 189 25.76 -11.21 7.36
C GLN A 189 24.44 -11.47 8.08
N GLU A 190 23.32 -11.12 7.43
CA GLU A 190 22.03 -11.27 8.06
C GLU A 190 21.70 -12.75 8.22
N ASN A 191 22.44 -13.41 9.10
CA ASN A 191 22.26 -14.82 9.41
C ASN A 191 21.61 -14.90 10.78
N LYS A 192 20.33 -15.26 10.79
CA LYS A 192 19.58 -15.32 12.03
C LYS A 192 19.92 -16.59 12.81
N LEU A 193 19.26 -16.72 13.96
CA LEU A 193 19.40 -17.83 14.89
C LEU A 193 20.78 -17.89 15.53
N VAL A 194 21.70 -17.04 15.10
CA VAL A 194 22.99 -16.91 15.77
C VAL A 194 22.69 -16.14 17.05
N THR A 195 22.52 -16.87 18.15
CA THR A 195 22.07 -16.27 19.39
C THR A 195 23.22 -15.51 20.04
N ASP A 196 22.99 -15.00 21.24
CA ASP A 196 23.97 -14.19 21.96
C ASP A 196 25.10 -15.03 22.53
N GLN A 197 25.08 -16.35 22.30
CA GLN A 197 26.11 -17.26 22.79
C GLN A 197 27.40 -17.17 21.97
N SER A 198 27.34 -16.52 20.80
CA SER A 198 28.50 -16.42 19.93
C SER A 198 29.32 -15.16 20.20
N VAL A 199 29.02 -14.44 21.26
CA VAL A 199 29.68 -13.18 21.58
C VAL A 199 30.29 -13.21 22.97
N LYS A 200 29.49 -13.55 23.98
CA LYS A 200 30.03 -13.81 25.31
C LYS A 200 31.13 -14.85 25.24
N ALA A 201 30.87 -15.97 24.58
CA ALA A 201 31.80 -17.10 24.54
C ALA A 201 32.92 -16.91 23.53
N PHE A 202 32.80 -15.95 22.62
CA PHE A 202 33.77 -15.82 21.54
C PHE A 202 34.86 -14.82 21.85
N ALA A 203 34.65 -13.94 22.82
CA ALA A 203 35.70 -13.09 23.34
C ALA A 203 36.45 -13.77 24.48
N GLU A 204 36.10 -15.02 24.79
CA GLU A 204 36.71 -15.76 25.87
C GLU A 204 38.05 -16.37 25.51
N HIS A 205 38.24 -16.80 24.26
CA HIS A 205 39.30 -17.72 23.91
C HIS A 205 40.49 -17.07 23.22
N CYS A 206 40.26 -16.46 22.06
CA CYS A 206 41.32 -15.87 21.26
C CYS A 206 41.16 -14.35 21.23
N PRO A 207 41.97 -13.61 21.98
CA PRO A 207 41.69 -12.18 22.20
C PRO A 207 42.37 -11.24 21.21
N GLU A 208 42.96 -11.74 20.13
CA GLU A 208 43.73 -10.92 19.22
C GLU A 208 42.94 -10.46 18.00
N LEU A 209 41.65 -10.80 17.94
CA LEU A 209 40.86 -10.51 16.75
C LEU A 209 40.77 -9.01 16.54
N GLN A 210 40.79 -8.61 15.28
CA GLN A 210 40.82 -7.20 14.93
C GLN A 210 39.58 -6.72 14.19
N TYR A 211 38.96 -7.57 13.39
CA TYR A 211 37.77 -7.21 12.64
C TYR A 211 36.60 -8.09 13.10
N VAL A 212 35.45 -7.46 13.34
CA VAL A 212 34.25 -8.14 13.85
C VAL A 212 33.05 -7.72 13.01
N GLY A 213 32.35 -8.71 12.43
CA GLY A 213 31.21 -8.43 11.58
C GLY A 213 29.90 -9.10 11.97
N PHE A 214 28.93 -8.32 12.43
CA PHE A 214 27.66 -8.79 12.97
C PHE A 214 26.49 -7.98 12.46
N MET A 215 26.38 -7.83 11.14
CA MET A 215 25.22 -7.13 10.60
C MET A 215 24.07 -8.10 10.40
N GLY A 216 22.88 -7.69 10.87
CA GLY A 216 21.68 -8.49 10.68
C GLY A 216 21.65 -9.84 11.37
N CYS A 217 22.31 -9.98 12.51
CA CYS A 217 22.26 -11.24 13.23
C CYS A 217 21.33 -11.15 14.44
N SER A 218 21.04 -12.31 15.04
CA SER A 218 20.10 -12.45 16.14
C SER A 218 20.79 -12.51 17.50
N VAL A 219 21.81 -11.69 17.71
CA VAL A 219 22.57 -11.69 18.95
C VAL A 219 22.03 -10.60 19.86
N THR A 220 22.04 -10.86 21.16
CA THR A 220 21.51 -9.93 22.14
C THR A 220 22.62 -9.00 22.65
N SER A 221 22.21 -7.84 23.15
CA SER A 221 23.13 -6.89 23.77
C SER A 221 23.87 -7.49 24.95
N LYS A 222 23.33 -8.56 25.54
CA LYS A 222 23.96 -9.18 26.70
C LYS A 222 25.33 -9.74 26.35
N GLY A 223 25.59 -10.03 25.08
CA GLY A 223 26.93 -10.38 24.65
C GLY A 223 27.76 -9.18 24.26
N VAL A 224 27.08 -8.13 23.75
CA VAL A 224 27.76 -6.87 23.44
C VAL A 224 28.41 -6.30 24.70
N ILE A 225 27.86 -6.64 25.86
CA ILE A 225 28.50 -6.24 27.11
C ILE A 225 29.94 -6.69 27.15
N HIS A 226 30.21 -7.92 26.69
CA HIS A 226 31.49 -8.58 26.90
C HIS A 226 32.57 -8.22 25.87
N LEU A 227 32.23 -7.48 24.82
CA LEU A 227 33.25 -7.14 23.83
C LEU A 227 34.25 -6.13 24.36
N THR A 228 33.99 -5.54 25.52
CA THR A 228 34.96 -4.68 26.19
C THR A 228 36.15 -5.46 26.73
N LYS A 229 36.19 -6.79 26.55
CA LYS A 229 37.28 -7.60 27.07
C LYS A 229 38.60 -7.25 26.39
N LEU A 230 38.75 -7.62 25.12
CA LEU A 230 40.04 -7.55 24.48
C LEU A 230 40.28 -6.16 23.90
N ARG A 231 41.55 -5.80 23.80
CA ARG A 231 41.96 -4.46 23.38
C ARG A 231 42.67 -4.52 22.04
N ASN A 232 42.40 -5.60 21.30
CA ASN A 232 43.02 -5.80 20.00
C ASN A 232 42.04 -5.48 18.89
N LEU A 233 40.76 -5.30 19.22
CA LEU A 233 39.73 -5.14 18.22
C LEU A 233 39.82 -3.78 17.54
N SER A 234 39.65 -3.78 16.23
CA SER A 234 39.78 -2.56 15.45
C SER A 234 38.48 -2.18 14.75
N SER A 235 37.69 -3.16 14.32
CA SER A 235 36.50 -2.90 13.53
C SER A 235 35.29 -3.60 14.15
N LEU A 236 34.18 -2.89 14.18
CA LEU A 236 32.88 -3.41 14.61
C LEU A 236 31.90 -3.35 13.46
N ASP A 237 31.04 -4.37 13.37
CA ASP A 237 29.92 -4.36 12.43
C ASP A 237 28.63 -4.72 13.12
N LEU A 238 28.29 -4.00 14.18
CA LEU A 238 27.01 -4.22 14.84
C LEU A 238 25.93 -3.43 14.10
N ARG A 239 25.57 -3.92 12.92
CA ARG A 239 24.38 -3.45 12.22
C ARG A 239 23.22 -4.36 12.58
N HIS A 240 22.04 -3.77 12.80
CA HIS A 240 20.86 -4.51 13.24
C HIS A 240 21.08 -5.19 14.60
N ILE A 241 21.15 -4.37 15.64
CA ILE A 241 21.28 -4.86 16.99
C ILE A 241 20.14 -4.32 17.85
N THR A 242 20.11 -4.78 19.11
CA THR A 242 19.01 -4.48 20.03
C THR A 242 19.49 -3.61 21.19
N GLU A 243 19.54 -2.31 20.94
CA GLU A 243 19.70 -1.27 21.98
C GLU A 243 20.90 -1.53 22.90
N LEU A 244 22.08 -1.33 22.34
CA LEU A 244 23.25 -1.13 23.19
C LEU A 244 23.11 0.18 23.95
N ASP A 245 23.37 0.13 25.25
CA ASP A 245 23.25 1.30 26.10
C ASP A 245 24.35 2.30 25.83
N ASN A 246 24.15 3.52 26.32
CA ASN A 246 25.24 4.48 26.37
C ASN A 246 26.36 3.95 27.26
N GLU A 247 26.02 3.27 28.34
CA GLU A 247 27.06 2.72 29.21
C GLU A 247 27.86 1.66 28.47
N THR A 248 27.18 0.83 27.66
CA THR A 248 27.87 -0.16 26.85
C THR A 248 28.84 0.50 25.90
N VAL A 249 28.39 1.56 25.20
CA VAL A 249 29.25 2.20 24.23
C VAL A 249 30.44 2.84 24.94
N MET A 250 30.21 3.43 26.11
CA MET A 250 31.31 4.03 26.86
C MET A 250 32.32 3.00 27.32
N GLU A 251 31.86 1.85 27.82
CA GLU A 251 32.81 0.85 28.29
C GLU A 251 33.62 0.30 27.13
N ILE A 252 32.96 0.00 26.02
CA ILE A 252 33.67 -0.62 24.92
C ILE A 252 34.61 0.36 24.25
N VAL A 253 34.26 1.65 24.26
CA VAL A 253 35.21 2.64 23.74
C VAL A 253 36.39 2.83 24.68
N LYS A 254 36.14 2.93 26.00
CA LYS A 254 37.25 3.24 26.90
C LYS A 254 38.21 2.06 27.06
N ARG A 255 37.69 0.85 27.20
CA ARG A 255 38.61 -0.28 27.34
C ARG A 255 39.38 -0.52 26.05
N CYS A 256 38.66 -0.60 24.92
CA CYS A 256 39.27 -0.82 23.61
C CYS A 256 39.72 0.53 23.05
N LYS A 257 40.84 1.01 23.60
CA LYS A 257 41.38 2.29 23.14
C LYS A 257 41.80 2.21 21.69
N ASN A 258 42.24 1.04 21.24
CA ASN A 258 42.78 0.86 19.90
C ASN A 258 41.65 0.38 19.02
N LEU A 259 40.81 1.31 18.57
CA LEU A 259 39.63 0.98 17.77
C LEU A 259 39.57 1.93 16.58
N SER A 260 39.28 1.39 15.40
CA SER A 260 39.40 2.17 14.17
C SER A 260 38.04 2.49 13.53
N SER A 261 37.19 1.48 13.34
CA SER A 261 35.96 1.64 12.59
C SER A 261 34.79 1.02 13.35
N LEU A 262 33.70 1.76 13.46
CA LEU A 262 32.52 1.33 14.20
C LEU A 262 31.33 1.44 13.26
N ASN A 263 30.52 0.39 13.19
CA ASN A 263 29.52 0.31 12.14
C ASN A 263 28.14 0.83 12.57
N LEU A 264 27.51 0.16 13.54
CA LEU A 264 26.19 0.49 14.07
C LEU A 264 25.18 0.97 13.03
N CYS A 265 25.14 0.32 11.86
CA CYS A 265 24.22 0.80 10.84
C CYS A 265 22.82 0.21 11.04
N LEU A 266 21.81 0.97 10.61
CA LEU A 266 20.40 0.60 10.76
C LEU A 266 20.03 0.29 12.20
N ASN A 267 20.38 1.16 13.12
CA ASN A 267 19.94 1.05 14.51
C ASN A 267 19.06 2.25 14.83
N TRP A 268 17.81 1.98 15.21
CA TRP A 268 16.83 3.02 15.51
C TRP A 268 16.97 3.55 16.93
N ILE A 269 17.11 2.63 17.89
CA ILE A 269 16.92 2.94 19.31
C ILE A 269 18.03 3.78 19.91
N ILE A 270 19.18 3.91 19.26
CA ILE A 270 20.24 4.73 19.82
C ILE A 270 19.86 6.19 19.72
N ASN A 271 19.93 6.90 20.84
CA ASN A 271 19.59 8.30 20.91
C ASN A 271 20.73 9.13 20.36
N ASP A 272 20.59 10.45 20.39
CA ASP A 272 21.72 11.30 20.00
C ASP A 272 22.84 11.26 21.02
N ARG A 273 22.53 10.89 22.26
CA ARG A 273 23.50 11.02 23.34
C ARG A 273 24.64 10.03 23.23
N CYS A 274 24.38 8.82 22.74
CA CYS A 274 25.45 7.84 22.59
C CYS A 274 26.50 8.35 21.62
N VAL A 275 26.06 8.93 20.50
CA VAL A 275 26.97 9.58 19.56
C VAL A 275 27.58 10.82 20.19
N GLU A 276 26.81 11.55 20.98
CA GLU A 276 27.32 12.72 21.71
C GLU A 276 28.55 12.36 22.50
N VAL A 277 28.56 11.14 23.06
CA VAL A 277 29.57 10.76 24.03
C VAL A 277 30.62 9.75 23.53
N ILE A 278 30.42 9.14 22.36
CA ILE A 278 31.50 8.33 21.78
C ILE A 278 32.75 9.18 21.57
N ALA A 279 32.56 10.38 21.05
CA ALA A 279 33.69 11.20 20.61
C ALA A 279 34.55 11.74 21.73
N LYS A 280 34.03 11.84 22.96
CA LYS A 280 34.82 12.43 24.02
C LYS A 280 36.03 11.57 24.36
N GLU A 281 35.98 10.27 24.07
CA GLU A 281 37.07 9.38 24.38
C GLU A 281 37.57 8.58 23.19
N GLY A 282 36.82 8.53 22.08
CA GLY A 282 37.32 7.88 20.90
C GLY A 282 38.38 8.72 20.22
N GLN A 283 39.64 8.29 20.31
CA GLN A 283 40.76 9.09 19.84
C GLN A 283 41.23 8.67 18.44
N ASN A 284 41.53 7.38 18.27
CA ASN A 284 42.05 6.89 17.01
C ASN A 284 40.92 6.42 16.09
N LEU A 285 39.69 6.55 16.54
CA LEU A 285 38.55 6.20 15.72
C LEU A 285 38.53 7.11 14.50
N LYS A 286 38.40 6.53 13.31
CA LYS A 286 38.45 7.32 12.09
C LYS A 286 37.17 7.33 11.28
N GLU A 287 36.29 6.35 11.43
CA GLU A 287 35.01 6.48 10.72
C GLU A 287 33.89 5.80 11.50
N LEU A 288 32.73 6.42 11.44
CA LEU A 288 31.51 5.94 12.07
C LEU A 288 30.40 5.93 11.04
N TYR A 289 29.51 4.94 11.11
CA TYR A 289 28.47 4.76 10.09
C TYR A 289 27.09 4.87 10.72
N LEU A 290 26.57 6.10 10.77
CA LEU A 290 25.28 6.41 11.38
C LEU A 290 24.20 6.37 10.30
N VAL A 291 23.30 5.39 10.39
CA VAL A 291 22.23 5.23 9.41
C VAL A 291 20.91 5.00 10.14
N SER A 292 19.89 5.77 9.76
CA SER A 292 18.51 5.55 10.20
C SER A 292 18.36 5.62 11.70
N CYS A 293 19.31 6.23 12.39
CA CYS A 293 19.25 6.33 13.84
C CYS A 293 18.38 7.51 14.25
N LYS A 294 17.71 7.37 15.38
CA LYS A 294 16.85 8.44 15.86
C LYS A 294 17.65 9.49 16.61
N ILE A 295 18.65 10.07 15.93
CA ILE A 295 19.42 11.15 16.52
C ILE A 295 18.75 12.48 16.23
N THR A 296 19.09 13.48 17.03
CA THR A 296 18.49 14.82 16.94
C THR A 296 19.38 15.79 16.19
N ASP A 297 20.44 15.31 15.56
CA ASP A 297 21.35 16.12 14.75
C ASP A 297 21.93 17.28 15.53
N TYR A 298 22.26 17.07 16.80
CA TYR A 298 23.04 18.01 17.56
C TYR A 298 24.41 17.48 17.96
N ALA A 299 24.60 16.17 17.94
CA ALA A 299 25.91 15.58 18.19
C ALA A 299 26.88 15.83 17.05
N LEU A 300 26.40 16.36 15.92
CA LEU A 300 27.31 16.77 14.86
C LEU A 300 28.27 17.85 15.35
N ILE A 301 27.73 18.91 15.96
CA ILE A 301 28.59 19.96 16.51
C ILE A 301 29.39 19.41 17.69
N ALA A 302 28.81 18.46 18.43
CA ALA A 302 29.52 17.84 19.55
C ALA A 302 30.78 17.12 19.08
N ILE A 303 30.67 16.37 17.98
CA ILE A 303 31.84 15.65 17.47
C ILE A 303 32.78 16.60 16.72
N GLY A 304 32.26 17.73 16.23
CA GLY A 304 33.13 18.75 15.68
C GLY A 304 33.86 19.58 16.72
N ARG A 305 33.35 19.58 17.96
CA ARG A 305 33.98 20.30 19.06
C ARG A 305 34.94 19.40 19.81
N TYR A 306 34.48 18.22 20.24
CA TYR A 306 35.21 17.36 21.16
C TYR A 306 36.03 16.29 20.45
N SER A 307 35.92 16.17 19.12
CA SER A 307 36.72 15.22 18.37
C SER A 307 37.45 15.94 17.24
N MET A 308 38.78 15.75 17.20
CA MET A 308 39.61 16.38 16.18
C MET A 308 40.30 15.36 15.29
N THR A 309 40.45 14.11 15.73
CA THR A 309 41.11 13.07 14.95
C THR A 309 40.04 12.27 14.19
N ILE A 310 39.52 12.85 13.10
CA ILE A 310 38.45 12.20 12.35
C ILE A 310 38.39 12.80 10.95
N GLU A 311 38.06 11.97 9.97
CA GLU A 311 37.90 12.44 8.59
C GLU A 311 36.69 11.88 7.88
N THR A 312 36.11 10.80 8.38
CA THR A 312 34.99 10.12 7.72
C THR A 312 33.87 9.92 8.72
N VAL A 313 32.68 10.39 8.35
CA VAL A 313 31.48 10.19 9.14
C VAL A 313 30.31 10.07 8.18
N ASP A 314 29.48 9.05 8.36
CA ASP A 314 28.41 8.77 7.42
C ASP A 314 27.08 8.95 8.14
N VAL A 315 26.35 9.98 7.76
CA VAL A 315 24.99 10.20 8.25
C VAL A 315 24.06 9.53 7.25
N GLY A 316 23.37 8.48 7.70
CA GLY A 316 22.49 7.76 6.82
C GLY A 316 21.13 8.41 6.68
N TRP A 317 20.08 7.61 6.80
CA TRP A 317 18.72 8.07 6.56
C TRP A 317 18.13 8.72 7.82
N CYS A 318 18.67 9.90 8.15
CA CYS A 318 18.18 10.68 9.27
C CYS A 318 17.02 11.57 8.82
N LYS A 319 15.90 11.49 9.54
CA LYS A 319 14.72 12.22 9.13
C LYS A 319 14.96 13.73 9.17
N GLU A 320 15.65 14.21 10.21
CA GLU A 320 15.93 15.63 10.36
C GLU A 320 17.43 15.86 10.19
N ILE A 321 17.78 16.75 9.26
CA ILE A 321 19.16 17.14 9.04
C ILE A 321 19.24 18.66 9.13
N THR A 322 20.09 19.16 10.02
CA THR A 322 20.22 20.59 10.27
C THR A 322 21.15 21.19 9.23
N ASP A 323 20.81 22.40 8.76
CA ASP A 323 21.66 23.06 7.78
C ASP A 323 22.70 23.96 8.45
N GLN A 324 22.33 24.65 9.54
CA GLN A 324 23.29 25.49 10.23
C GLN A 324 24.35 24.66 10.95
N GLY A 325 23.96 23.53 11.52
CA GLY A 325 24.94 22.66 12.14
C GLY A 325 25.96 22.16 11.14
N ALA A 326 25.50 21.77 9.96
CA ALA A 326 26.42 21.41 8.88
C ALA A 326 27.27 22.60 8.47
N THR A 327 26.68 23.80 8.46
CA THR A 327 27.46 24.99 8.14
C THR A 327 28.61 25.17 9.12
N LEU A 328 28.34 24.94 10.40
CA LEU A 328 29.39 25.06 11.42
C LEU A 328 30.42 23.95 11.30
N ILE A 329 29.99 22.73 10.99
CA ILE A 329 30.96 21.65 10.83
C ILE A 329 31.81 21.84 9.58
N ALA A 330 31.32 22.63 8.62
CA ALA A 330 32.10 22.88 7.40
C ALA A 330 33.43 23.55 7.73
N GLN A 331 33.46 24.38 8.76
CA GLN A 331 34.69 25.03 9.20
C GLN A 331 35.09 24.61 10.62
N SER A 332 34.41 23.63 11.21
CA SER A 332 34.76 23.19 12.55
C SER A 332 36.05 22.38 12.57
N SER A 333 36.19 21.43 11.65
CA SER A 333 37.33 20.51 11.65
C SER A 333 38.22 20.77 10.44
N LYS A 334 39.41 20.18 10.49
CA LYS A 334 40.43 20.39 9.47
C LYS A 334 40.62 19.21 8.53
N SER A 335 39.97 18.07 8.78
CA SER A 335 40.20 16.86 8.00
C SER A 335 38.92 16.32 7.37
N LEU A 336 37.95 17.16 7.06
CA LEU A 336 36.64 16.72 6.57
C LEU A 336 36.34 17.29 5.19
N ARG A 337 36.51 16.47 4.15
CA ARG A 337 35.99 16.76 2.82
C ARG A 337 35.30 15.49 2.32
N TYR A 338 34.05 15.29 2.73
CA TYR A 338 33.31 14.09 2.37
C TYR A 338 31.86 14.47 2.05
N LEU A 339 31.69 15.57 1.31
CA LEU A 339 30.38 16.17 1.10
C LEU A 339 29.65 15.45 -0.02
N GLY A 340 29.28 14.20 0.25
CA GLY A 340 28.48 13.43 -0.68
C GLY A 340 27.01 13.71 -0.51
N LEU A 341 26.61 14.97 -0.74
CA LEU A 341 25.24 15.40 -0.46
C LEU A 341 24.25 14.61 -1.29
N MET A 342 23.25 14.02 -0.62
CA MET A 342 22.28 13.19 -1.29
C MET A 342 21.01 13.15 -0.45
N ARG A 343 19.88 12.88 -1.13
CA ARG A 343 18.55 13.01 -0.52
C ARG A 343 18.38 14.40 0.08
N CYS A 344 18.83 15.40 -0.65
CA CYS A 344 18.95 16.76 -0.12
C CYS A 344 17.72 17.59 -0.50
N ASP A 345 16.61 17.27 0.16
CA ASP A 345 15.41 18.08 0.02
C ASP A 345 15.52 19.38 0.81
N LYS A 346 16.17 19.35 1.98
CA LYS A 346 16.37 20.54 2.79
C LYS A 346 17.77 21.11 2.56
N VAL A 347 17.94 21.74 1.40
CA VAL A 347 19.19 22.38 1.04
C VAL A 347 18.88 23.66 0.27
N ASN A 348 19.76 24.64 0.40
CA ASN A 348 19.64 25.87 -0.36
C ASN A 348 20.54 25.81 -1.59
N GLU A 349 20.54 26.90 -2.35
CA GLU A 349 21.28 26.97 -3.60
C GLU A 349 22.39 28.01 -3.52
N VAL A 350 22.92 28.23 -2.32
CA VAL A 350 23.96 29.23 -2.11
C VAL A 350 25.24 28.58 -1.59
N THR A 351 25.13 27.77 -0.54
CA THR A 351 26.29 27.02 -0.07
C THR A 351 26.74 25.99 -1.11
N VAL A 352 25.80 25.21 -1.64
CA VAL A 352 26.16 24.20 -2.62
C VAL A 352 26.60 24.80 -3.94
N GLU A 353 26.25 26.06 -4.20
CA GLU A 353 26.70 26.80 -5.36
C GLU A 353 28.04 27.49 -5.15
N GLN A 354 28.36 27.86 -3.91
CA GLN A 354 29.53 28.69 -3.69
C GLN A 354 30.74 27.86 -3.22
N LEU A 355 30.51 26.81 -2.42
CA LEU A 355 31.62 26.02 -1.90
C LEU A 355 32.27 25.16 -2.98
N VAL A 356 31.67 25.07 -4.16
CA VAL A 356 32.27 24.32 -5.26
C VAL A 356 33.60 24.96 -5.67
N GLN A 357 33.61 26.28 -5.83
CA GLN A 357 34.83 27.01 -6.13
C GLN A 357 35.50 27.61 -4.89
N GLN A 358 34.73 27.82 -3.82
CA GLN A 358 35.29 28.37 -2.59
C GLN A 358 36.31 27.42 -1.98
N TYR A 359 36.00 26.13 -1.96
CA TYR A 359 36.85 25.09 -1.38
C TYR A 359 37.26 24.11 -2.47
N PRO A 360 38.46 24.24 -3.03
CA PRO A 360 38.95 23.27 -4.01
C PRO A 360 39.33 21.93 -3.41
N HIS A 361 39.09 21.74 -2.11
CA HIS A 361 39.38 20.50 -1.41
C HIS A 361 38.12 19.65 -1.20
N ILE A 362 37.00 20.06 -1.76
CA ILE A 362 35.75 19.32 -1.68
C ILE A 362 35.31 18.97 -3.11
N THR A 363 35.09 17.67 -3.36
CA THR A 363 34.78 17.17 -4.69
C THR A 363 33.30 16.91 -4.92
N PHE A 364 32.56 16.56 -3.87
CA PHE A 364 31.15 16.17 -3.94
C PHE A 364 30.97 14.86 -4.71
N SER A 365 29.90 14.12 -4.41
CA SER A 365 29.66 12.86 -5.10
C SER A 365 28.17 12.62 -5.32
N THR A 366 27.37 13.67 -5.40
CA THR A 366 25.96 13.53 -5.69
C THR A 366 25.76 12.90 -7.05
N VAL A 367 24.53 12.44 -7.32
CA VAL A 367 24.23 11.87 -8.62
C VAL A 367 24.56 12.86 -9.72
N LEU A 368 24.53 14.16 -9.41
CA LEU A 368 24.97 15.18 -10.35
C LEU A 368 26.47 15.13 -10.60
N GLN A 369 27.25 14.59 -9.66
CA GLN A 369 28.69 14.54 -9.84
C GLN A 369 29.19 13.26 -10.48
N ASP A 370 28.61 12.11 -10.15
CA ASP A 370 29.15 10.88 -10.71
C ASP A 370 28.62 10.70 -12.13
N CYS A 371 28.73 11.76 -12.91
CA CYS A 371 28.48 11.75 -14.34
C CYS A 371 29.60 12.43 -15.12
N LYS A 372 30.13 13.55 -14.60
CA LYS A 372 31.27 14.17 -15.26
C LYS A 372 32.48 13.26 -15.21
N ARG A 373 32.77 12.71 -14.03
CA ARG A 373 33.90 11.81 -13.88
C ARG A 373 33.76 10.61 -14.81
N THR A 374 32.55 10.06 -14.90
CA THR A 374 32.32 8.92 -15.79
C THR A 374 32.48 9.32 -17.25
N LEU A 375 32.06 10.54 -17.60
CA LEU A 375 32.24 11.00 -18.98
C LEU A 375 33.71 11.19 -19.31
N GLU A 376 34.51 11.62 -18.33
CA GLU A 376 35.94 11.80 -18.57
C GLU A 376 36.61 10.49 -18.96
N ARG A 377 36.28 9.41 -18.27
CA ARG A 377 36.85 8.11 -18.60
C ARG A 377 36.16 7.50 -19.82
N SER B 11 20.09 16.38 -12.22
CA SER B 11 18.93 17.01 -12.82
C SER B 11 18.11 16.03 -13.63
N THR B 12 17.06 16.55 -14.28
CA THR B 12 16.15 15.70 -15.04
C THR B 12 16.86 15.05 -16.21
N ASN B 13 17.53 15.84 -17.05
CA ASN B 13 18.30 15.26 -18.14
C ASN B 13 19.47 14.44 -17.59
N VAL B 14 19.99 14.82 -16.42
CA VAL B 14 20.99 13.98 -15.76
C VAL B 14 20.37 12.63 -15.41
N LEU B 15 19.15 12.65 -14.90
CA LEU B 15 18.46 11.40 -14.59
C LEU B 15 18.31 10.54 -15.83
N LEU B 16 17.90 11.15 -16.95
CA LEU B 16 17.71 10.38 -18.18
C LEU B 16 19.04 9.85 -18.72
N SER B 17 20.10 10.66 -18.64
CA SER B 17 21.39 10.21 -19.12
C SER B 17 21.90 9.04 -18.30
N LEU B 18 21.76 9.14 -16.97
CA LEU B 18 22.12 8.01 -16.11
C LEU B 18 21.25 6.81 -16.43
N ASN B 19 19.99 7.05 -16.77
CA ASN B 19 19.08 5.97 -17.11
C ASN B 19 19.56 5.21 -18.33
N ASP B 20 19.92 5.94 -19.38
CA ASP B 20 20.42 5.29 -20.59
C ASP B 20 21.73 4.57 -20.30
N GLN B 21 22.64 5.23 -19.59
CA GLN B 21 23.92 4.59 -19.28
C GLN B 21 23.70 3.31 -18.50
N ARG B 22 22.66 3.25 -17.66
CA ARG B 22 22.27 1.98 -17.08
C ARG B 22 21.83 1.02 -18.17
N LYS B 23 20.96 1.48 -19.06
CA LYS B 23 20.54 0.62 -20.16
C LYS B 23 21.51 0.69 -21.32
N LYS B 24 22.80 0.66 -21.01
CA LYS B 24 23.86 0.33 -21.95
C LYS B 24 24.67 -0.87 -21.51
N ASP B 25 24.49 -1.36 -20.28
CA ASP B 25 25.33 -2.40 -19.68
C ASP B 25 26.80 -1.99 -19.65
N VAL B 26 27.07 -0.70 -19.51
CA VAL B 26 28.43 -0.21 -19.41
C VAL B 26 28.50 0.81 -18.28
N LEU B 27 29.61 0.79 -17.54
CA LEU B 27 29.85 1.71 -16.43
C LEU B 27 28.75 1.56 -15.37
N CYS B 28 28.73 0.37 -14.79
CA CYS B 28 27.78 0.01 -13.75
C CYS B 28 28.56 -0.43 -12.52
N ASP B 29 28.25 0.17 -11.36
CA ASP B 29 29.03 -0.06 -10.16
C ASP B 29 28.46 -1.21 -9.32
N VAL B 30 27.26 -1.02 -8.81
CA VAL B 30 26.64 -2.00 -7.93
C VAL B 30 25.98 -3.09 -8.76
N THR B 31 26.08 -4.32 -8.29
CA THR B 31 25.52 -5.46 -9.00
C THR B 31 24.60 -6.22 -8.06
N ILE B 32 23.31 -6.29 -8.42
CA ILE B 32 22.30 -6.93 -7.59
C ILE B 32 22.09 -8.35 -8.09
N PHE B 33 22.24 -9.31 -7.18
CA PHE B 33 22.16 -10.73 -7.50
C PHE B 33 20.88 -11.30 -6.89
N VAL B 34 19.86 -11.50 -7.72
CA VAL B 34 18.62 -12.13 -7.29
C VAL B 34 18.34 -13.32 -8.20
N GLU B 35 18.33 -14.52 -7.60
CA GLU B 35 18.01 -15.77 -8.29
C GLU B 35 18.86 -15.95 -9.56
N GLY B 36 20.15 -15.67 -9.44
CA GLY B 36 21.05 -15.84 -10.57
C GLY B 36 21.00 -14.66 -11.51
N GLN B 37 19.82 -14.05 -11.63
CA GLN B 37 19.68 -12.83 -12.40
C GLN B 37 20.51 -11.73 -11.77
N ARG B 38 21.14 -10.91 -12.60
CA ARG B 38 22.03 -9.86 -12.11
C ARG B 38 21.65 -8.54 -12.74
N PHE B 39 21.03 -7.67 -11.95
CA PHE B 39 20.90 -6.28 -12.34
C PHE B 39 22.24 -5.59 -12.18
N ARG B 40 22.53 -4.66 -13.08
CA ARG B 40 23.72 -3.82 -12.95
C ARG B 40 23.25 -2.39 -12.91
N ALA B 41 23.50 -1.72 -11.78
CA ALA B 41 23.09 -0.34 -11.64
C ALA B 41 24.22 0.41 -10.95
N HIS B 42 24.01 1.68 -10.70
CA HIS B 42 25.09 2.52 -10.21
C HIS B 42 25.21 2.40 -8.70
N ARG B 43 26.09 3.23 -8.13
CA ARG B 43 26.29 3.30 -6.69
C ARG B 43 25.38 4.32 -6.03
N SER B 44 25.23 5.49 -6.64
CA SER B 44 24.50 6.58 -5.97
C SER B 44 22.99 6.38 -6.04
N VAL B 45 22.49 5.84 -7.15
CA VAL B 45 21.04 5.82 -7.35
C VAL B 45 20.37 4.87 -6.36
N LEU B 46 20.88 3.64 -6.24
CA LEU B 46 20.30 2.72 -5.26
C LEU B 46 20.47 3.23 -3.85
N ALA B 47 21.48 4.07 -3.61
CA ALA B 47 21.54 4.78 -2.33
C ALA B 47 20.37 5.72 -2.18
N ALA B 48 19.98 6.39 -3.27
CA ALA B 48 18.81 7.26 -3.19
C ALA B 48 17.51 6.48 -3.05
N CYS B 49 17.48 5.22 -3.49
CA CYS B 49 16.20 4.52 -3.61
C CYS B 49 15.72 3.96 -2.27
N SER B 50 16.44 2.97 -1.74
CA SER B 50 15.97 2.22 -0.59
C SER B 50 17.05 2.17 0.47
N SER B 51 16.67 2.53 1.70
CA SER B 51 17.66 2.61 2.76
C SER B 51 18.31 1.25 3.03
N TYR B 52 17.64 0.15 2.67
CA TYR B 52 18.24 -1.15 2.89
C TYR B 52 19.54 -1.29 2.10
N PHE B 53 19.56 -0.81 0.85
CA PHE B 53 20.77 -0.94 0.03
C PHE B 53 21.86 0.02 0.49
N HIS B 54 21.50 1.28 0.75
CA HIS B 54 22.49 2.25 1.21
C HIS B 54 23.07 1.84 2.56
N SER B 55 22.38 0.95 3.28
CA SER B 55 23.02 0.34 4.43
C SER B 55 24.22 -0.51 4.01
N ARG B 56 24.07 -1.31 2.96
CA ARG B 56 25.11 -2.28 2.61
C ARG B 56 26.15 -1.74 1.65
N ILE B 57 25.98 -0.54 1.13
CA ILE B 57 26.99 0.05 0.24
C ILE B 57 28.00 0.90 0.99
N VAL B 58 27.53 1.95 1.67
CA VAL B 58 28.43 3.01 2.12
C VAL B 58 29.50 2.49 3.06
N GLY B 59 29.32 1.32 3.64
CA GLY B 59 30.36 0.74 4.44
C GLY B 59 31.55 0.25 3.66
N GLN B 60 31.51 0.33 2.35
CA GLN B 60 32.60 -0.10 1.51
C GLN B 60 32.90 0.96 0.47
N ALA B 61 34.19 1.15 0.18
CA ALA B 61 34.63 1.99 -0.93
C ALA B 61 35.16 1.15 -2.09
N ASP B 62 34.84 -0.14 -2.10
CA ASP B 62 35.33 -1.02 -3.15
C ASP B 62 34.78 -0.58 -4.50
N GLY B 63 35.61 -0.69 -5.54
CA GLY B 63 35.16 -0.29 -6.87
C GLY B 63 34.05 -1.17 -7.41
N GLU B 64 34.16 -2.48 -7.20
CA GLU B 64 33.13 -3.43 -7.58
C GLU B 64 32.44 -3.93 -6.32
N LEU B 65 31.12 -4.02 -6.36
CA LEU B 65 30.32 -4.43 -5.20
C LEU B 65 29.42 -5.59 -5.60
N ASN B 66 28.93 -6.31 -4.59
CA ASN B 66 28.00 -7.40 -4.80
C ASN B 66 26.96 -7.37 -3.69
N ILE B 67 25.70 -7.62 -4.03
CA ILE B 67 24.63 -7.69 -3.04
C ILE B 67 23.71 -8.84 -3.41
N THR B 68 23.25 -9.58 -2.41
CA THR B 68 22.16 -10.53 -2.56
C THR B 68 20.96 -10.05 -1.75
N LEU B 69 19.80 -10.59 -2.08
CA LEU B 69 18.54 -10.20 -1.46
C LEU B 69 17.85 -11.44 -0.88
N PRO B 70 16.99 -11.27 0.13
CA PRO B 70 16.34 -12.43 0.73
C PRO B 70 15.48 -13.19 -0.28
N GLU B 71 15.35 -14.50 -0.04
CA GLU B 71 14.53 -15.36 -0.87
C GLU B 71 13.08 -14.90 -0.90
N GLU B 72 12.65 -14.14 0.10
CA GLU B 72 11.27 -13.67 0.15
C GLU B 72 10.95 -12.69 -0.97
N VAL B 73 11.89 -11.85 -1.38
CA VAL B 73 11.60 -10.84 -2.39
C VAL B 73 11.55 -11.51 -3.76
N THR B 74 10.44 -11.31 -4.46
CA THR B 74 10.18 -12.03 -5.70
C THR B 74 10.79 -11.29 -6.88
N VAL B 75 11.27 -12.06 -7.85
CA VAL B 75 11.88 -11.48 -9.04
C VAL B 75 10.85 -10.75 -9.88
N LYS B 76 9.63 -11.29 -9.96
CA LYS B 76 8.59 -10.67 -10.77
C LYS B 76 8.26 -9.28 -10.27
N GLY B 77 8.13 -9.11 -8.96
CA GLY B 77 7.94 -7.78 -8.41
C GLY B 77 9.21 -6.98 -8.37
N PHE B 78 10.36 -7.66 -8.36
CA PHE B 78 11.63 -6.96 -8.33
C PHE B 78 11.94 -6.25 -9.63
N GLU B 79 11.55 -6.83 -10.75
CA GLU B 79 11.92 -6.26 -12.05
C GLU B 79 11.45 -4.81 -12.22
N PRO B 80 10.18 -4.47 -11.97
CA PRO B 80 9.76 -3.08 -12.19
C PRO B 80 10.40 -2.07 -11.25
N LEU B 81 10.91 -2.52 -10.10
CA LEU B 81 11.41 -1.59 -9.11
C LEU B 81 12.63 -0.83 -9.62
N ILE B 82 13.49 -1.50 -10.39
CA ILE B 82 14.68 -0.83 -10.88
C ILE B 82 14.30 0.32 -11.81
N GLN B 83 13.36 0.08 -12.73
CA GLN B 83 12.86 1.16 -13.58
C GLN B 83 12.18 2.24 -12.76
N PHE B 84 11.47 1.84 -11.69
CA PHE B 84 10.97 2.83 -10.75
C PHE B 84 12.08 3.73 -10.22
N ALA B 85 13.14 3.13 -9.72
CA ALA B 85 14.22 3.91 -9.13
C ALA B 85 14.85 4.82 -10.17
N TYR B 86 15.04 4.30 -11.39
CA TYR B 86 15.77 5.05 -12.40
C TYR B 86 14.94 6.16 -13.02
N THR B 87 13.64 5.95 -13.20
CA THR B 87 12.81 6.94 -13.88
C THR B 87 11.96 7.77 -12.92
N ALA B 88 11.87 7.37 -11.65
CA ALA B 88 10.95 8.00 -10.70
C ALA B 88 9.53 7.99 -11.26
N LYS B 89 9.14 6.86 -11.83
CA LYS B 89 7.87 6.74 -12.53
C LYS B 89 7.11 5.55 -11.97
N LEU B 90 5.78 5.64 -11.98
CA LEU B 90 4.92 4.58 -11.47
C LEU B 90 4.23 3.85 -12.62
N ILE B 91 4.49 2.55 -12.72
CA ILE B 91 3.81 1.66 -13.66
C ILE B 91 3.36 0.42 -12.89
N LEU B 92 2.09 0.05 -13.04
CA LEU B 92 1.55 -1.05 -12.27
C LEU B 92 0.52 -1.82 -13.09
N SER B 93 0.33 -3.08 -12.71
CA SER B 93 -0.69 -3.94 -13.31
C SER B 93 -1.47 -4.61 -12.19
N LYS B 94 -2.72 -4.96 -12.50
CA LYS B 94 -3.61 -5.51 -11.48
C LYS B 94 -3.17 -6.89 -10.99
N GLU B 95 -2.31 -7.58 -11.73
CA GLU B 95 -1.88 -8.91 -11.31
C GLU B 95 -0.80 -8.86 -10.23
N ASN B 96 -0.05 -7.76 -10.15
CA ASN B 96 1.14 -7.65 -9.29
C ASN B 96 1.08 -6.40 -8.39
N VAL B 97 0.28 -6.47 -7.33
CA VAL B 97 0.09 -5.34 -6.42
C VAL B 97 0.41 -5.68 -4.98
N ASP B 98 -0.05 -6.85 -4.51
CA ASP B 98 -0.06 -7.14 -3.07
C ASP B 98 1.33 -7.03 -2.45
N GLU B 99 2.36 -7.51 -3.15
CA GLU B 99 3.71 -7.48 -2.59
C GLU B 99 4.29 -6.07 -2.54
N VAL B 100 3.63 -5.08 -3.14
CA VAL B 100 4.14 -3.71 -3.19
C VAL B 100 3.13 -2.80 -2.50
N CYS B 101 2.44 -3.33 -1.49
CA CYS B 101 1.26 -2.67 -0.94
C CYS B 101 1.64 -1.85 0.30
N LYS B 102 2.58 -0.92 0.12
CA LYS B 102 2.79 0.12 1.13
C LYS B 102 3.15 1.49 0.56
N CYS B 103 3.46 1.56 -0.75
CA CYS B 103 4.05 2.69 -1.49
C CYS B 103 5.41 3.07 -0.92
N VAL B 104 5.87 2.34 0.09
CA VAL B 104 7.29 2.32 0.44
C VAL B 104 7.79 0.98 -0.08
N GLU B 105 6.96 0.36 -0.92
CA GLU B 105 7.22 -0.75 -1.84
C GLU B 105 7.54 -2.07 -1.15
N PHE B 106 7.73 -2.05 0.17
CA PHE B 106 7.47 -3.21 1.03
C PHE B 106 7.88 -4.56 0.44
N LEU B 107 9.07 -4.65 -0.14
CA LEU B 107 9.50 -5.91 -0.75
C LEU B 107 9.85 -6.92 0.34
N SER B 108 8.80 -7.61 0.81
CA SER B 108 8.91 -8.73 1.73
C SER B 108 9.27 -8.31 3.16
N VAL B 109 10.57 -8.14 3.46
CA VAL B 109 10.97 -8.16 4.86
C VAL B 109 10.41 -6.97 5.64
N HIS B 110 10.54 -5.73 5.13
CA HIS B 110 11.43 -4.90 4.32
C HIS B 110 11.40 -3.48 4.88
N ASN B 111 11.35 -3.37 6.20
CA ASN B 111 11.15 -2.08 6.85
C ASN B 111 12.37 -1.19 6.60
N ILE B 112 12.14 -0.03 6.01
CA ILE B 112 13.22 0.84 5.62
C ILE B 112 13.84 1.48 6.86
N LYS C 54 -45.34 27.95 -13.41
CA LYS C 54 -46.12 26.77 -13.14
C LYS C 54 -45.26 25.50 -13.16
N GLN C 55 -44.25 25.49 -14.03
CA GLN C 55 -43.35 24.36 -14.16
C GLN C 55 -41.95 24.93 -14.36
N LEU C 56 -41.19 25.07 -13.28
CA LEU C 56 -39.86 25.67 -13.41
C LEU C 56 -38.85 24.65 -13.93
N ASP C 57 -38.57 23.61 -13.14
CA ASP C 57 -37.61 22.58 -13.50
C ASP C 57 -36.31 23.20 -14.00
N LEU C 58 -35.84 24.19 -13.24
CA LEU C 58 -34.74 25.05 -13.64
C LEU C 58 -33.37 24.44 -13.30
N SER C 59 -33.32 23.12 -13.20
CA SER C 59 -32.07 22.45 -12.85
C SER C 59 -31.01 22.66 -13.92
N SER C 60 -29.74 22.72 -13.48
CA SER C 60 -28.59 22.85 -14.37
C SER C 60 -28.72 24.10 -15.25
N ARG C 61 -29.27 25.16 -14.68
CA ARG C 61 -29.44 26.41 -15.39
C ARG C 61 -28.24 27.34 -15.25
N GLN C 62 -27.30 27.00 -14.38
CA GLN C 62 -26.08 27.76 -14.10
C GLN C 62 -26.34 29.26 -13.99
N GLN C 63 -25.48 30.08 -14.61
CA GLN C 63 -25.59 31.53 -14.52
C GLN C 63 -26.43 32.12 -15.63
N VAL C 64 -27.71 31.73 -15.68
CA VAL C 64 -28.66 32.34 -16.60
C VAL C 64 -29.73 33.02 -15.77
N THR C 65 -29.91 32.55 -14.54
CA THR C 65 -31.02 32.96 -13.68
C THR C 65 -30.47 33.48 -12.35
N ASP C 66 -30.47 34.80 -12.16
CA ASP C 66 -30.10 35.39 -10.87
C ASP C 66 -31.21 36.23 -10.29
N GLU C 67 -31.91 37.03 -11.11
CA GLU C 67 -32.99 37.89 -10.65
C GLU C 67 -34.23 37.81 -11.52
N LEU C 68 -34.25 36.96 -12.54
CA LEU C 68 -35.35 36.96 -13.50
C LEU C 68 -36.62 36.36 -12.91
N LEU C 69 -36.50 35.64 -11.79
CA LEU C 69 -37.64 35.01 -11.13
C LEU C 69 -38.70 36.02 -10.66
N GLU C 70 -38.33 37.29 -10.54
CA GLU C 70 -39.33 38.32 -10.21
C GLU C 70 -40.37 38.49 -11.31
N LYS C 71 -40.11 37.97 -12.51
CA LYS C 71 -41.08 38.03 -13.60
C LYS C 71 -41.93 36.77 -13.71
N ILE C 72 -41.43 35.61 -13.29
CA ILE C 72 -42.24 34.40 -13.28
C ILE C 72 -43.38 34.51 -12.26
N ALA C 73 -43.10 35.02 -11.07
CA ALA C 73 -44.11 35.14 -10.03
C ALA C 73 -44.69 36.55 -10.11
N SER C 74 -45.54 36.76 -11.12
CA SER C 74 -46.20 38.05 -11.33
C SER C 74 -47.72 37.95 -11.20
N ARG C 75 -48.36 37.12 -12.02
CA ARG C 75 -49.76 36.75 -11.79
C ARG C 75 -49.92 35.28 -11.43
N SER C 76 -48.89 34.47 -11.62
CA SER C 76 -48.99 33.05 -11.33
C SER C 76 -48.86 32.79 -9.83
N GLN C 77 -49.86 32.09 -9.30
CA GLN C 77 -49.92 31.75 -7.88
C GLN C 77 -49.91 30.24 -7.65
N ASN C 78 -49.64 29.45 -8.69
CA ASN C 78 -49.73 28.00 -8.59
C ASN C 78 -48.37 27.37 -8.87
N ILE C 79 -47.34 27.86 -8.18
CA ILE C 79 -46.02 27.26 -8.30
C ILE C 79 -45.96 26.06 -7.37
N ILE C 80 -45.81 24.87 -7.96
CA ILE C 80 -45.69 23.62 -7.23
C ILE C 80 -44.42 22.91 -7.67
N GLU C 81 -43.91 23.26 -8.83
CA GLU C 81 -42.86 22.48 -9.50
C GLU C 81 -41.54 23.25 -9.51
N ILE C 82 -41.21 23.85 -8.36
CA ILE C 82 -39.90 24.50 -8.21
C ILE C 82 -38.84 23.40 -8.15
N ASN C 83 -37.79 23.55 -8.95
CA ASN C 83 -36.71 22.56 -9.04
C ASN C 83 -35.46 23.31 -9.53
N ILE C 84 -34.56 23.63 -8.60
CA ILE C 84 -33.39 24.44 -8.91
C ILE C 84 -32.14 23.68 -8.54
N SER C 85 -32.16 22.35 -8.72
CA SER C 85 -31.01 21.53 -8.35
C SER C 85 -29.78 21.91 -9.16
N ASP C 86 -28.60 21.74 -8.56
CA ASP C 86 -27.33 22.14 -9.15
C ASP C 86 -27.30 23.64 -9.46
N CYS C 87 -27.94 24.42 -8.59
CA CYS C 87 -27.98 25.87 -8.78
C CYS C 87 -26.64 26.50 -8.44
N ARG C 88 -26.25 27.50 -9.23
CA ARG C 88 -24.99 28.19 -8.98
C ARG C 88 -25.07 29.69 -9.22
N SER C 89 -26.25 30.27 -9.34
CA SER C 89 -26.39 31.69 -9.61
C SER C 89 -27.11 32.44 -8.48
N MET C 90 -28.25 31.94 -8.02
CA MET C 90 -29.02 32.68 -7.04
C MET C 90 -28.43 32.55 -5.64
N SER C 91 -28.78 33.51 -4.80
CA SER C 91 -28.25 33.65 -3.45
C SER C 91 -29.36 33.78 -2.43
N ASP C 92 -29.00 34.22 -1.21
CA ASP C 92 -29.96 34.30 -0.12
C ASP C 92 -31.19 35.14 -0.49
N ASN C 93 -30.96 36.39 -0.91
CA ASN C 93 -32.10 37.26 -1.22
C ASN C 93 -32.77 36.85 -2.52
N GLY C 94 -31.99 36.32 -3.47
CA GLY C 94 -32.54 35.88 -4.73
C GLY C 94 -33.48 34.70 -4.62
N VAL C 95 -33.40 33.94 -3.52
CA VAL C 95 -34.33 32.85 -3.29
C VAL C 95 -35.36 33.32 -2.28
N CYS C 96 -34.99 34.30 -1.45
CA CYS C 96 -35.94 34.83 -0.48
C CYS C 96 -37.06 35.61 -1.13
N VAL C 97 -36.80 36.25 -2.27
CA VAL C 97 -37.85 37.00 -2.96
C VAL C 97 -38.97 36.06 -3.39
N LEU C 98 -38.62 34.90 -3.94
CA LEU C 98 -39.64 33.92 -4.29
C LEU C 98 -40.21 33.25 -3.05
N ALA C 99 -39.36 32.97 -2.07
CA ALA C 99 -39.84 32.37 -0.82
C ALA C 99 -40.71 33.33 -0.03
N PHE C 100 -40.74 34.61 -0.42
CA PHE C 100 -41.63 35.56 0.23
C PHE C 100 -43.09 35.13 0.11
N LYS C 101 -43.47 34.60 -1.05
CA LYS C 101 -44.86 34.24 -1.30
C LYS C 101 -45.15 32.77 -1.00
N CYS C 102 -44.43 31.85 -1.67
CA CYS C 102 -44.63 30.41 -1.54
C CYS C 102 -46.09 30.01 -1.59
N PRO C 103 -46.77 30.19 -2.72
CA PRO C 103 -48.19 29.84 -2.77
C PRO C 103 -48.43 28.35 -2.95
N GLY C 104 -48.80 27.66 -1.87
CA GLY C 104 -49.19 26.27 -1.95
C GLY C 104 -48.15 25.33 -2.54
N LEU C 105 -46.90 25.47 -2.09
CA LEU C 105 -45.81 24.67 -2.66
C LEU C 105 -45.94 23.21 -2.26
N LEU C 106 -45.59 22.32 -3.18
CA LEU C 106 -45.72 20.89 -2.90
C LEU C 106 -44.44 20.11 -3.17
N ARG C 107 -43.68 20.48 -4.20
CA ARG C 107 -42.62 19.62 -4.72
C ARG C 107 -41.29 20.35 -4.75
N TYR C 108 -40.93 20.97 -3.63
CA TYR C 108 -39.66 21.68 -3.55
C TYR C 108 -38.50 20.70 -3.61
N THR C 109 -37.59 20.91 -4.56
CA THR C 109 -36.43 20.05 -4.73
C THR C 109 -35.22 20.92 -5.05
N ALA C 110 -34.09 20.63 -4.40
CA ALA C 110 -32.87 21.40 -4.64
C ALA C 110 -31.67 20.51 -4.30
N TYR C 111 -31.08 19.88 -5.32
CA TYR C 111 -29.89 19.06 -5.16
C TYR C 111 -28.65 19.90 -5.40
N ARG C 112 -27.62 19.68 -4.58
CA ARG C 112 -26.28 20.23 -4.77
C ARG C 112 -26.26 21.75 -4.88
N CYS C 113 -27.05 22.46 -4.08
CA CYS C 113 -26.95 23.92 -4.01
C CYS C 113 -26.04 24.27 -2.84
N LYS C 114 -24.74 24.13 -3.05
CA LYS C 114 -23.77 24.29 -1.97
C LYS C 114 -23.86 25.68 -1.35
N GLN C 115 -23.97 26.72 -2.18
CA GLN C 115 -23.99 28.08 -1.67
C GLN C 115 -25.29 28.41 -0.93
N LEU C 116 -26.31 27.57 -1.05
CA LEU C 116 -27.59 27.85 -0.44
C LEU C 116 -27.47 27.95 1.08
N SER C 117 -28.19 28.91 1.65
CA SER C 117 -28.18 29.15 3.09
C SER C 117 -29.39 28.46 3.71
N ASP C 118 -29.45 28.47 5.04
CA ASP C 118 -30.55 27.81 5.74
C ASP C 118 -31.69 28.77 6.03
N THR C 119 -31.43 30.07 5.93
CA THR C 119 -32.53 31.04 5.97
C THR C 119 -33.51 30.80 4.83
N SER C 120 -33.03 30.26 3.71
CA SER C 120 -33.92 29.91 2.61
C SER C 120 -34.89 28.80 3.00
N ILE C 121 -34.40 27.78 3.71
CA ILE C 121 -35.29 26.73 4.18
C ILE C 121 -36.25 27.28 5.21
N ILE C 122 -35.77 28.21 6.06
CA ILE C 122 -36.65 28.88 7.01
C ILE C 122 -37.80 29.56 6.28
N ALA C 123 -37.46 30.32 5.23
CA ALA C 123 -38.47 31.10 4.52
C ALA C 123 -39.43 30.20 3.74
N VAL C 124 -38.93 29.13 3.11
CA VAL C 124 -39.81 28.26 2.35
C VAL C 124 -40.70 27.44 3.26
N ALA C 125 -40.30 27.22 4.51
CA ALA C 125 -41.16 26.50 5.43
C ALA C 125 -42.12 27.40 6.20
N SER C 126 -41.78 28.66 6.39
CA SER C 126 -42.56 29.56 7.23
C SER C 126 -43.55 30.41 6.44
N HIS C 127 -43.66 30.21 5.13
CA HIS C 127 -44.59 30.98 4.31
C HIS C 127 -45.59 30.09 3.58
N CYS C 128 -45.50 28.78 3.77
CA CYS C 128 -46.51 27.87 3.24
C CYS C 128 -46.58 26.62 4.12
N PRO C 129 -47.67 26.45 4.87
CA PRO C 129 -47.76 25.29 5.76
C PRO C 129 -48.03 23.99 5.02
N LEU C 130 -48.30 24.08 3.72
CA LEU C 130 -48.55 22.92 2.90
C LEU C 130 -47.32 22.64 2.06
N LEU C 131 -46.83 21.41 2.12
CA LEU C 131 -45.65 20.98 1.39
C LEU C 131 -45.70 19.47 1.28
N GLN C 132 -45.22 18.94 0.16
CA GLN C 132 -45.36 17.51 -0.11
C GLN C 132 -44.07 16.82 -0.54
N LYS C 133 -43.14 17.51 -1.18
CA LYS C 133 -41.88 16.89 -1.59
C LYS C 133 -40.76 17.88 -1.30
N VAL C 134 -39.74 17.42 -0.55
CA VAL C 134 -38.69 18.31 -0.04
C VAL C 134 -37.30 17.83 -0.49
N HIS C 135 -37.21 17.31 -1.71
CA HIS C 135 -35.98 16.64 -2.12
C HIS C 135 -34.81 17.60 -2.23
N VAL C 136 -34.17 17.91 -1.11
CA VAL C 136 -32.90 18.64 -1.12
C VAL C 136 -31.78 17.62 -1.34
N GLY C 137 -30.59 18.13 -1.63
CA GLY C 137 -29.49 17.25 -1.92
C GLY C 137 -28.16 17.57 -1.27
N ASN C 138 -27.12 17.66 -2.10
CA ASN C 138 -25.74 17.79 -1.67
C ASN C 138 -25.41 19.14 -1.05
N GLN C 139 -26.42 19.98 -0.79
CA GLN C 139 -26.15 21.25 -0.15
C GLN C 139 -25.53 21.01 1.22
N ASP C 140 -24.35 21.58 1.43
CA ASP C 140 -23.63 21.39 2.67
C ASP C 140 -24.08 22.47 3.67
N LYS C 141 -23.56 22.41 4.89
CA LYS C 141 -23.89 23.36 5.95
C LYS C 141 -25.40 23.61 6.06
N LEU C 142 -26.17 22.51 6.05
CA LEU C 142 -27.60 22.52 6.32
C LEU C 142 -27.80 22.41 7.83
N THR C 143 -28.03 23.54 8.48
CA THR C 143 -28.12 23.53 9.94
C THR C 143 -29.31 22.70 10.40
N ASP C 144 -29.24 22.26 11.64
CA ASP C 144 -30.36 21.54 12.24
C ASP C 144 -31.38 22.49 12.85
N GLU C 145 -31.10 23.80 12.83
CA GLU C 145 -32.12 24.80 13.15
C GLU C 145 -33.16 24.89 12.04
N GLY C 146 -32.72 24.82 10.78
CA GLY C 146 -33.65 24.99 9.69
C GLY C 146 -34.72 23.90 9.65
N LEU C 147 -34.31 22.65 9.86
CA LEU C 147 -35.28 21.57 9.97
C LEU C 147 -36.24 21.79 11.13
N LYS C 148 -35.77 22.44 12.19
CA LYS C 148 -36.64 22.66 13.35
C LYS C 148 -37.88 23.45 12.95
N GLN C 149 -37.67 24.61 12.34
CA GLN C 149 -38.81 25.43 11.92
C GLN C 149 -39.51 24.81 10.72
N LEU C 150 -38.78 24.06 9.89
CA LEU C 150 -39.44 23.36 8.78
C LEU C 150 -40.51 22.42 9.30
N GLY C 151 -40.15 21.55 10.25
CA GLY C 151 -41.11 20.62 10.81
C GLY C 151 -42.12 21.24 11.73
N SER C 152 -41.78 22.37 12.35
CA SER C 152 -42.77 23.04 13.18
C SER C 152 -43.85 23.70 12.35
N LYS C 153 -43.48 24.39 11.26
CA LYS C 153 -44.44 25.22 10.55
C LYS C 153 -45.34 24.38 9.64
N CYS C 154 -44.75 23.68 8.68
CA CYS C 154 -45.52 22.98 7.64
C CYS C 154 -45.68 21.51 8.04
N ARG C 155 -46.78 21.20 8.72
CA ARG C 155 -47.03 19.86 9.23
C ARG C 155 -47.90 19.02 8.31
N GLU C 156 -47.50 18.89 7.04
CA GLU C 156 -48.19 18.04 6.09
C GLU C 156 -47.27 17.21 5.21
N LEU C 157 -45.97 17.45 5.25
CA LEU C 157 -45.04 16.87 4.29
C LEU C 157 -45.12 15.34 4.26
N LYS C 158 -44.93 14.76 3.08
CA LYS C 158 -45.07 13.33 2.92
C LYS C 158 -43.92 12.66 2.16
N ASP C 159 -42.83 13.37 1.89
CA ASP C 159 -41.70 12.81 1.14
C ASP C 159 -40.46 13.65 1.41
N ILE C 160 -39.37 13.01 1.85
CA ILE C 160 -38.16 13.74 2.22
C ILE C 160 -36.93 13.13 1.54
N HIS C 161 -35.90 13.98 1.41
CA HIS C 161 -34.60 13.54 0.91
C HIS C 161 -33.54 14.41 1.58
N PHE C 162 -33.02 13.93 2.72
CA PHE C 162 -31.97 14.60 3.48
C PHE C 162 -30.72 13.73 3.53
N GLY C 163 -30.28 13.27 2.38
CA GLY C 163 -28.99 12.62 2.33
C GLY C 163 -27.85 13.62 2.45
N GLN C 164 -26.66 13.09 2.70
CA GLN C 164 -25.39 13.83 2.64
C GLN C 164 -25.45 15.17 3.36
N CYS C 165 -26.11 15.21 4.53
CA CYS C 165 -26.08 16.38 5.40
C CYS C 165 -25.68 15.88 6.78
N TYR C 166 -24.37 15.80 7.03
CA TYR C 166 -23.86 15.16 8.24
C TYR C 166 -23.79 16.12 9.41
N LYS C 167 -24.89 16.84 9.62
CA LYS C 167 -25.11 17.65 10.81
C LYS C 167 -26.58 17.64 11.21
N ILE C 168 -27.34 16.66 10.73
CA ILE C 168 -28.75 16.51 11.06
C ILE C 168 -28.88 15.15 11.72
N SER C 169 -27.83 14.75 12.42
CA SER C 169 -27.63 13.39 12.90
C SER C 169 -28.78 12.82 13.73
N ASP C 170 -29.21 13.53 14.78
CA ASP C 170 -30.32 13.03 15.62
C ASP C 170 -31.48 13.99 15.73
N GLU C 171 -31.23 15.30 15.81
CA GLU C 171 -32.31 16.23 16.16
C GLU C 171 -33.42 16.24 15.13
N GLY C 172 -33.07 16.26 13.84
CA GLY C 172 -34.10 16.34 12.81
C GLY C 172 -35.09 15.20 12.89
N MET C 173 -34.59 14.02 13.27
CA MET C 173 -35.48 12.89 13.46
C MET C 173 -36.56 13.25 14.46
N ILE C 174 -36.18 13.61 15.68
CA ILE C 174 -37.20 13.81 16.71
C ILE C 174 -38.07 15.01 16.35
N VAL C 175 -37.48 16.03 15.71
CA VAL C 175 -38.22 17.21 15.31
C VAL C 175 -39.36 16.85 14.38
N ILE C 176 -39.06 16.31 13.20
CA ILE C 176 -40.16 15.70 12.48
C ILE C 176 -40.22 14.24 12.87
N ALA C 177 -40.46 13.99 14.15
CA ALA C 177 -40.92 12.71 14.66
C ALA C 177 -42.03 12.84 15.68
N LYS C 178 -42.08 13.94 16.43
CA LYS C 178 -43.23 14.16 17.30
C LYS C 178 -44.44 14.60 16.48
N GLY C 179 -44.30 15.72 15.78
CA GLY C 179 -45.44 16.36 15.15
C GLY C 179 -45.83 15.76 13.82
N CYS C 180 -44.91 15.78 12.86
CA CYS C 180 -45.25 15.34 11.50
C CYS C 180 -45.65 13.87 11.52
N LEU C 181 -46.76 13.57 10.86
CA LEU C 181 -47.34 12.23 10.88
C LEU C 181 -47.74 11.76 9.49
N LYS C 182 -47.70 12.63 8.49
CA LYS C 182 -48.08 12.32 7.12
C LYS C 182 -46.89 11.92 6.25
N LEU C 183 -45.70 11.77 6.84
CA LEU C 183 -44.52 11.42 6.07
C LEU C 183 -44.66 10.05 5.43
N GLN C 184 -44.09 9.89 4.24
CA GLN C 184 -44.16 8.60 3.58
C GLN C 184 -42.81 8.05 3.15
N ARG C 185 -41.92 8.87 2.63
CA ARG C 185 -40.63 8.39 2.16
C ARG C 185 -39.51 9.10 2.90
N ILE C 186 -38.66 8.31 3.56
CA ILE C 186 -37.56 8.84 4.37
C ILE C 186 -36.23 8.37 3.78
N TYR C 187 -35.36 9.33 3.46
CA TYR C 187 -34.14 9.02 2.74
C TYR C 187 -33.00 9.90 3.24
N MET C 188 -31.87 9.26 3.51
CA MET C 188 -30.68 9.92 4.03
C MET C 188 -29.49 9.42 3.21
N GLN C 189 -28.30 9.60 3.76
CA GLN C 189 -27.07 9.03 3.20
C GLN C 189 -26.16 8.64 4.35
N GLU C 190 -24.86 8.58 4.05
CA GLU C 190 -23.83 8.43 5.07
C GLU C 190 -23.81 9.68 5.91
N ASN C 191 -24.92 9.93 6.61
CA ASN C 191 -25.08 11.09 7.46
C ASN C 191 -24.52 10.69 8.82
N LYS C 192 -23.35 11.22 9.15
CA LYS C 192 -22.64 10.77 10.33
C LYS C 192 -23.34 11.20 11.61
N LEU C 193 -23.04 10.47 12.68
CA LEU C 193 -23.55 10.68 14.03
C LEU C 193 -25.04 10.39 14.15
N VAL C 194 -25.64 9.75 13.14
CA VAL C 194 -27.03 9.29 13.23
C VAL C 194 -27.04 8.07 14.16
N THR C 195 -27.44 8.30 15.41
CA THR C 195 -27.38 7.28 16.44
C THR C 195 -28.63 6.41 16.42
N ASP C 196 -28.63 5.37 17.25
CA ASP C 196 -29.83 4.55 17.46
C ASP C 196 -30.98 5.32 18.05
N GLN C 197 -30.73 6.37 18.83
CA GLN C 197 -31.79 7.19 19.37
C GLN C 197 -32.32 8.16 18.32
N SER C 198 -31.89 7.97 17.07
CA SER C 198 -32.46 8.65 15.92
C SER C 198 -33.44 7.74 15.18
N VAL C 199 -33.80 6.59 15.76
CA VAL C 199 -34.51 5.53 15.06
C VAL C 199 -35.73 5.06 15.85
N LYS C 200 -35.55 4.63 17.08
CA LYS C 200 -36.66 4.11 17.86
C LYS C 200 -37.70 5.18 18.13
N ALA C 201 -37.24 6.40 18.43
CA ALA C 201 -38.12 7.53 18.72
C ALA C 201 -38.69 8.19 17.47
N PHE C 202 -38.77 7.45 16.36
CA PHE C 202 -39.43 7.92 15.15
C PHE C 202 -40.56 7.02 14.67
N ALA C 203 -40.44 5.71 14.82
CA ALA C 203 -41.37 4.75 14.22
C ALA C 203 -42.61 4.54 15.06
N GLU C 204 -42.74 5.29 16.16
CA GLU C 204 -43.91 5.22 17.01
C GLU C 204 -44.97 6.25 16.65
N HIS C 205 -44.75 7.06 15.63
CA HIS C 205 -45.59 8.21 15.34
C HIS C 205 -46.25 8.15 13.98
N CYS C 206 -45.54 7.65 12.96
CA CYS C 206 -46.12 7.43 11.64
C CYS C 206 -46.01 5.96 11.30
N PRO C 207 -47.13 5.23 11.19
CA PRO C 207 -47.07 3.78 10.90
C PRO C 207 -47.26 3.41 9.43
N GLU C 208 -47.34 4.39 8.52
CA GLU C 208 -47.63 4.11 7.12
C GLU C 208 -46.40 4.25 6.23
N LEU C 209 -45.20 4.13 6.80
CA LEU C 209 -43.98 4.29 6.01
C LEU C 209 -43.88 3.21 4.95
N GLN C 210 -43.17 3.54 3.87
CA GLN C 210 -42.96 2.64 2.75
C GLN C 210 -41.51 2.54 2.32
N TYR C 211 -40.84 3.68 2.21
CA TYR C 211 -39.42 3.74 1.87
C TYR C 211 -38.67 4.24 3.09
N VAL C 212 -37.72 3.43 3.57
CA VAL C 212 -36.97 3.78 4.76
C VAL C 212 -35.51 3.83 4.37
N GLY C 213 -34.96 5.04 4.25
CA GLY C 213 -33.64 5.19 3.67
C GLY C 213 -32.61 5.82 4.58
N PHE C 214 -31.67 5.01 5.04
CA PHE C 214 -30.64 5.44 6.00
C PHE C 214 -29.31 4.74 5.72
N MET C 215 -28.91 4.67 4.46
CA MET C 215 -27.71 3.92 4.08
C MET C 215 -26.46 4.43 4.80
N GLY C 216 -25.62 3.49 5.24
CA GLY C 216 -24.31 3.86 5.79
C GLY C 216 -24.35 4.76 6.99
N CYS C 217 -25.19 4.47 7.97
CA CYS C 217 -25.30 5.32 9.15
C CYS C 217 -24.71 4.65 10.39
N SER C 218 -24.80 5.37 11.51
CA SER C 218 -24.11 5.05 12.76
C SER C 218 -25.02 4.37 13.78
N VAL C 219 -25.84 3.42 13.34
CA VAL C 219 -26.85 2.80 14.20
C VAL C 219 -26.52 1.33 14.41
N THR C 220 -27.16 0.74 15.42
CA THR C 220 -26.95 -0.66 15.77
C THR C 220 -28.23 -1.47 15.52
N SER C 221 -28.11 -2.79 15.59
CA SER C 221 -29.21 -3.71 15.27
C SER C 221 -30.45 -3.52 16.13
N LYS C 222 -30.31 -2.97 17.33
CA LYS C 222 -31.47 -2.89 18.22
C LYS C 222 -32.55 -2.00 17.63
N GLY C 223 -32.17 -0.90 16.96
CA GLY C 223 -33.15 0.00 16.41
C GLY C 223 -33.93 -0.61 15.26
N VAL C 224 -33.23 -1.37 14.40
CA VAL C 224 -33.88 -2.01 13.28
C VAL C 224 -34.70 -3.21 13.74
N ILE C 225 -34.42 -3.74 14.92
CA ILE C 225 -35.32 -4.73 15.49
C ILE C 225 -36.70 -4.13 15.71
N HIS C 226 -36.75 -2.86 16.10
CA HIS C 226 -37.99 -2.14 16.41
C HIS C 226 -38.91 -1.95 15.21
N LEU C 227 -38.38 -1.76 14.01
CA LEU C 227 -39.21 -1.37 12.88
C LEU C 227 -40.20 -2.45 12.48
N THR C 228 -40.18 -3.60 13.13
CA THR C 228 -41.18 -4.64 12.93
C THR C 228 -42.57 -4.18 13.34
N LYS C 229 -42.70 -3.01 13.96
CA LYS C 229 -43.99 -2.55 14.46
C LYS C 229 -44.94 -2.21 13.33
N LEU C 230 -44.62 -1.17 12.54
CA LEU C 230 -45.50 -0.77 11.46
C LEU C 230 -45.47 -1.83 10.35
N ARG C 231 -46.62 -2.02 9.71
CA ARG C 231 -46.85 -3.17 8.86
C ARG C 231 -47.25 -2.76 7.46
N ASN C 232 -46.77 -1.60 7.01
CA ASN C 232 -46.99 -1.16 5.65
C ASN C 232 -45.68 -0.79 4.98
N LEU C 233 -44.55 -1.09 5.61
CA LEU C 233 -43.26 -0.75 5.04
C LEU C 233 -43.05 -1.50 3.74
N SER C 234 -42.54 -0.81 2.73
CA SER C 234 -42.49 -1.35 1.38
C SER C 234 -41.07 -1.62 0.92
N SER C 235 -40.15 -0.69 1.10
CA SER C 235 -38.78 -0.85 0.65
C SER C 235 -37.82 -0.45 1.77
N LEU C 236 -36.77 -1.24 1.93
CA LEU C 236 -35.83 -1.07 3.04
C LEU C 236 -34.42 -0.81 2.53
N ASP C 237 -33.77 0.17 3.14
CA ASP C 237 -32.54 0.77 2.63
C ASP C 237 -31.45 0.74 3.68
N LEU C 238 -31.18 -0.45 4.24
CA LEU C 238 -30.09 -0.62 5.20
C LEU C 238 -28.80 -0.77 4.41
N ARG C 239 -27.85 0.12 4.69
CA ARG C 239 -26.46 -0.06 4.31
C ARG C 239 -25.56 0.26 5.49
N HIS C 240 -24.60 -0.62 5.73
CA HIS C 240 -23.58 -0.44 6.76
C HIS C 240 -24.20 -0.41 8.16
N ILE C 241 -24.86 -1.51 8.51
CA ILE C 241 -25.39 -1.74 9.84
C ILE C 241 -24.49 -2.74 10.56
N THR C 242 -24.69 -2.84 11.87
CA THR C 242 -23.93 -3.76 12.71
C THR C 242 -24.78 -5.01 12.97
N GLU C 243 -24.79 -5.91 12.00
CA GLU C 243 -25.30 -7.28 12.14
C GLU C 243 -26.76 -7.31 12.59
N LEU C 244 -27.64 -6.93 11.67
CA LEU C 244 -29.03 -7.33 11.79
C LEU C 244 -29.11 -8.86 11.77
N ASP C 245 -29.59 -9.45 12.86
CA ASP C 245 -29.51 -10.88 13.05
C ASP C 245 -30.53 -11.63 12.18
N ASN C 246 -30.39 -12.96 12.14
CA ASN C 246 -31.33 -13.78 11.39
C ASN C 246 -32.70 -13.80 12.05
N GLU C 247 -32.74 -13.83 13.38
CA GLU C 247 -34.00 -13.76 14.10
C GLU C 247 -34.70 -12.43 13.81
N THR C 248 -33.92 -11.37 13.72
CA THR C 248 -34.48 -10.04 13.49
C THR C 248 -35.14 -9.96 12.11
N VAL C 249 -34.47 -10.47 11.09
CA VAL C 249 -35.07 -10.48 9.75
C VAL C 249 -36.26 -11.44 9.72
N MET C 250 -36.17 -12.55 10.46
CA MET C 250 -37.29 -13.47 10.59
C MET C 250 -38.54 -12.72 11.05
N GLU C 251 -38.44 -11.96 12.14
CA GLU C 251 -39.59 -11.23 12.65
C GLU C 251 -40.00 -10.08 11.74
N ILE C 252 -39.03 -9.36 11.17
CA ILE C 252 -39.38 -8.21 10.37
C ILE C 252 -40.08 -8.64 9.09
N VAL C 253 -39.83 -9.88 8.64
CA VAL C 253 -40.51 -10.36 7.44
C VAL C 253 -41.82 -11.07 7.78
N LYS C 254 -41.86 -11.86 8.86
CA LYS C 254 -43.12 -12.50 9.25
C LYS C 254 -44.14 -11.47 9.72
N ARG C 255 -43.69 -10.34 10.26
CA ARG C 255 -44.58 -9.27 10.68
C ARG C 255 -44.98 -8.40 9.50
N CYS C 256 -43.99 -7.82 8.82
CA CYS C 256 -44.24 -6.96 7.67
C CYS C 256 -44.29 -7.85 6.43
N LYS C 257 -45.47 -8.39 6.16
CA LYS C 257 -45.63 -9.29 5.03
C LYS C 257 -45.32 -8.58 3.72
N ASN C 258 -45.87 -7.38 3.55
CA ASN C 258 -45.64 -6.57 2.36
C ASN C 258 -44.27 -5.93 2.50
N LEU C 259 -43.39 -6.22 1.54
CA LEU C 259 -42.06 -5.61 1.52
C LEU C 259 -41.46 -5.86 0.15
N SER C 260 -41.22 -4.79 -0.60
CA SER C 260 -40.80 -4.92 -1.99
C SER C 260 -39.29 -5.09 -2.11
N SER C 261 -38.51 -4.14 -1.60
CA SER C 261 -37.07 -4.15 -1.82
C SER C 261 -36.33 -3.93 -0.51
N LEU C 262 -35.36 -4.79 -0.25
CA LEU C 262 -34.40 -4.64 0.84
C LEU C 262 -33.02 -4.52 0.21
N ASN C 263 -32.19 -3.61 0.72
CA ASN C 263 -30.87 -3.43 0.12
C ASN C 263 -29.83 -4.35 0.74
N LEU C 264 -29.54 -4.19 2.03
CA LEU C 264 -28.41 -4.84 2.68
C LEU C 264 -27.15 -4.75 1.84
N CYS C 265 -26.96 -3.60 1.21
CA CYS C 265 -25.77 -3.38 0.40
C CYS C 265 -24.55 -3.14 1.28
N LEU C 266 -23.48 -3.87 0.95
CA LEU C 266 -22.18 -3.75 1.59
C LEU C 266 -22.21 -4.11 3.07
N ASN C 267 -22.82 -5.24 3.39
CA ASN C 267 -22.75 -5.81 4.73
C ASN C 267 -21.79 -6.97 4.71
N TRP C 268 -20.83 -6.96 5.63
CA TRP C 268 -19.80 -8.00 5.69
C TRP C 268 -20.13 -9.07 6.72
N ILE C 269 -20.89 -8.70 7.76
CA ILE C 269 -21.16 -9.62 8.87
C ILE C 269 -22.33 -10.56 8.62
N ILE C 270 -23.11 -10.35 7.57
CA ILE C 270 -24.27 -11.19 7.31
C ILE C 270 -23.80 -12.57 6.83
N ASN C 271 -24.63 -13.58 7.09
CA ASN C 271 -24.32 -14.96 6.73
C ASN C 271 -25.22 -15.44 5.60
N ASP C 272 -25.05 -16.71 5.21
CA ASP C 272 -25.87 -17.31 4.15
C ASP C 272 -27.24 -17.77 4.65
N ARG C 273 -27.38 -18.02 5.96
CA ARG C 273 -28.63 -18.55 6.47
C ARG C 273 -29.75 -17.51 6.43
N CYS C 274 -29.40 -16.23 6.53
CA CYS C 274 -30.42 -15.19 6.43
C CYS C 274 -31.15 -15.26 5.10
N VAL C 275 -30.39 -15.35 4.00
CA VAL C 275 -31.01 -15.49 2.70
C VAL C 275 -31.58 -16.89 2.50
N GLU C 276 -30.98 -17.90 3.16
CA GLU C 276 -31.57 -19.23 3.18
C GLU C 276 -33.01 -19.18 3.64
N VAL C 277 -33.29 -18.43 4.71
CA VAL C 277 -34.61 -18.41 5.31
C VAL C 277 -35.49 -17.28 4.78
N ILE C 278 -34.91 -16.27 4.12
CA ILE C 278 -35.73 -15.20 3.56
C ILE C 278 -36.65 -15.74 2.48
N ALA C 279 -36.21 -16.80 1.79
CA ALA C 279 -37.03 -17.48 0.80
C ALA C 279 -37.93 -18.55 1.41
N LYS C 280 -37.72 -18.90 2.69
CA LYS C 280 -38.64 -19.78 3.39
C LYS C 280 -40.00 -19.13 3.59
N GLU C 281 -40.04 -17.81 3.81
CA GLU C 281 -41.30 -17.10 3.99
C GLU C 281 -41.52 -15.99 2.98
N GLY C 282 -40.54 -15.68 2.14
CA GLY C 282 -40.71 -14.58 1.20
C GLY C 282 -41.73 -14.86 0.12
N GLN C 283 -42.92 -14.27 0.26
CA GLN C 283 -43.95 -14.40 -0.77
C GLN C 283 -43.89 -13.25 -1.76
N ASN C 284 -43.98 -12.01 -1.27
CA ASN C 284 -44.05 -10.82 -2.11
C ASN C 284 -42.70 -10.21 -2.41
N LEU C 285 -41.62 -10.77 -1.86
CA LEU C 285 -40.31 -10.17 -2.06
C LEU C 285 -39.88 -10.35 -3.52
N LYS C 286 -39.32 -9.29 -4.10
CA LYS C 286 -39.02 -9.27 -5.52
C LYS C 286 -37.57 -8.97 -5.85
N GLU C 287 -36.78 -8.51 -4.88
CA GLU C 287 -35.39 -8.17 -5.18
C GLU C 287 -34.55 -8.16 -3.90
N LEU C 288 -33.38 -8.77 -4.00
CA LEU C 288 -32.39 -8.83 -2.94
C LEU C 288 -31.10 -8.22 -3.47
N TYR C 289 -30.40 -7.48 -2.61
CA TYR C 289 -29.26 -6.70 -3.06
C TYR C 289 -28.03 -7.15 -2.26
N LEU C 290 -27.52 -8.33 -2.61
CA LEU C 290 -26.43 -8.97 -1.89
C LEU C 290 -25.13 -8.57 -2.56
N VAL C 291 -24.34 -7.75 -1.89
CA VAL C 291 -23.08 -7.25 -2.43
C VAL C 291 -22.02 -7.28 -1.34
N SER C 292 -20.82 -7.73 -1.69
CA SER C 292 -19.71 -7.86 -0.76
C SER C 292 -20.07 -8.75 0.43
N CYS C 293 -21.09 -9.59 0.28
CA CYS C 293 -21.55 -10.45 1.36
C CYS C 293 -20.67 -11.70 1.43
N LYS C 294 -20.32 -12.06 2.66
CA LYS C 294 -19.49 -13.24 2.89
C LYS C 294 -20.34 -14.50 2.87
N ILE C 295 -21.05 -14.72 1.76
CA ILE C 295 -21.89 -15.89 1.60
C ILE C 295 -21.04 -17.07 1.13
N THR C 296 -21.59 -18.27 1.28
CA THR C 296 -20.97 -19.49 0.76
C THR C 296 -21.47 -19.81 -0.64
N ASP C 297 -22.22 -18.87 -1.23
CA ASP C 297 -22.75 -18.97 -2.58
C ASP C 297 -23.60 -20.24 -2.69
N TYR C 298 -24.32 -20.57 -1.62
CA TYR C 298 -25.20 -21.73 -1.59
C TYR C 298 -26.66 -21.38 -1.38
N ALA C 299 -26.96 -20.19 -0.86
CA ALA C 299 -28.35 -19.79 -0.69
C ALA C 299 -29.07 -19.61 -2.01
N LEU C 300 -28.32 -19.56 -3.12
CA LEU C 300 -28.95 -19.32 -4.42
C LEU C 300 -29.85 -20.48 -4.82
N ILE C 301 -29.39 -21.72 -4.63
CA ILE C 301 -30.24 -22.85 -4.97
C ILE C 301 -31.45 -22.90 -4.05
N ALA C 302 -31.27 -22.51 -2.79
CA ALA C 302 -32.40 -22.50 -1.86
C ALA C 302 -33.44 -21.47 -2.28
N ILE C 303 -32.99 -20.29 -2.73
CA ILE C 303 -33.97 -19.28 -3.14
C ILE C 303 -34.56 -19.62 -4.50
N GLY C 304 -33.83 -20.36 -5.34
CA GLY C 304 -34.39 -20.82 -6.59
C GLY C 304 -35.35 -21.98 -6.46
N ARG C 305 -35.27 -22.71 -5.35
CA ARG C 305 -36.19 -23.80 -5.07
C ARG C 305 -37.40 -23.32 -4.26
N TYR C 306 -37.15 -22.60 -3.18
CA TYR C 306 -38.14 -22.32 -2.16
C TYR C 306 -38.85 -20.98 -2.34
N SER C 307 -38.54 -20.23 -3.40
CA SER C 307 -39.25 -18.99 -3.71
C SER C 307 -39.86 -19.10 -5.09
N MET C 308 -41.14 -18.74 -5.20
CA MET C 308 -41.87 -18.85 -6.45
C MET C 308 -42.36 -17.52 -7.00
N THR C 309 -42.21 -16.43 -6.27
CA THR C 309 -42.56 -15.09 -6.76
C THR C 309 -41.38 -14.15 -6.50
N ILE C 310 -40.49 -14.06 -7.48
CA ILE C 310 -39.40 -13.09 -7.48
C ILE C 310 -38.78 -13.07 -8.88
N GLU C 311 -38.21 -11.93 -9.27
CA GLU C 311 -37.60 -11.81 -10.58
C GLU C 311 -36.17 -11.30 -10.57
N THR C 312 -35.74 -10.62 -9.51
CA THR C 312 -34.41 -10.04 -9.46
C THR C 312 -33.69 -10.54 -8.22
N VAL C 313 -32.48 -11.03 -8.40
CA VAL C 313 -31.58 -11.35 -7.31
C VAL C 313 -30.18 -10.86 -7.70
N ASP C 314 -29.63 -9.99 -6.88
CA ASP C 314 -28.40 -9.29 -7.23
C ASP C 314 -27.26 -9.78 -6.35
N VAL C 315 -26.37 -10.57 -6.94
CA VAL C 315 -25.15 -11.01 -6.30
C VAL C 315 -24.03 -10.24 -7.00
N GLY C 316 -23.55 -9.17 -6.36
CA GLY C 316 -22.65 -8.24 -7.01
C GLY C 316 -21.19 -8.49 -6.69
N TRP C 317 -20.66 -7.77 -5.71
CA TRP C 317 -19.25 -7.89 -5.35
C TRP C 317 -18.98 -9.16 -4.54
N CYS C 318 -19.28 -10.32 -5.11
CA CYS C 318 -18.94 -11.59 -4.49
C CYS C 318 -17.71 -12.15 -5.20
N LYS C 319 -16.74 -12.61 -4.41
CA LYS C 319 -15.49 -13.11 -4.97
C LYS C 319 -15.66 -14.40 -5.74
N GLU C 320 -16.82 -15.04 -5.66
CA GLU C 320 -17.09 -16.28 -6.37
C GLU C 320 -18.27 -16.11 -7.32
N ILE C 321 -18.04 -16.35 -8.61
CA ILE C 321 -19.08 -16.40 -9.63
C ILE C 321 -18.89 -17.69 -10.42
N THR C 322 -19.97 -18.44 -10.60
CA THR C 322 -19.93 -19.72 -11.29
C THR C 322 -20.79 -19.68 -12.55
N ASP C 323 -20.34 -20.38 -13.59
CA ASP C 323 -21.15 -20.52 -14.79
C ASP C 323 -22.33 -21.47 -14.56
N GLN C 324 -22.11 -22.54 -13.79
CA GLN C 324 -23.18 -23.50 -13.56
C GLN C 324 -24.37 -22.86 -12.88
N GLY C 325 -24.11 -21.93 -11.95
CA GLY C 325 -25.21 -21.25 -11.28
C GLY C 325 -26.06 -20.43 -12.24
N ALA C 326 -25.41 -19.68 -13.12
CA ALA C 326 -26.14 -18.91 -14.12
C ALA C 326 -26.91 -19.83 -15.06
N THR C 327 -26.28 -20.94 -15.48
CA THR C 327 -26.95 -21.88 -16.37
C THR C 327 -28.20 -22.46 -15.70
N LEU C 328 -28.09 -22.81 -14.43
CA LEU C 328 -29.23 -23.37 -13.71
C LEU C 328 -30.33 -22.33 -13.51
N ILE C 329 -29.96 -21.09 -13.19
CA ILE C 329 -30.98 -20.06 -13.00
C ILE C 329 -31.63 -19.68 -14.33
N ALA C 330 -30.96 -19.97 -15.45
CA ALA C 330 -31.54 -19.63 -16.75
C ALA C 330 -32.85 -20.35 -17.00
N GLN C 331 -32.88 -21.67 -16.75
CA GLN C 331 -34.05 -22.47 -17.09
C GLN C 331 -34.77 -23.03 -15.87
N SER C 332 -34.16 -22.94 -14.68
CA SER C 332 -34.84 -23.40 -13.47
C SER C 332 -36.07 -22.56 -13.19
N SER C 333 -35.98 -21.26 -13.46
CA SER C 333 -37.12 -20.36 -13.30
C SER C 333 -37.21 -19.46 -14.53
N LYS C 334 -38.43 -19.31 -15.05
CA LYS C 334 -38.65 -18.31 -16.09
C LYS C 334 -38.59 -16.90 -15.52
N SER C 335 -39.00 -16.73 -14.26
CA SER C 335 -38.93 -15.44 -13.59
C SER C 335 -37.54 -15.08 -13.09
N LEU C 336 -36.75 -16.06 -12.66
CA LEU C 336 -35.42 -15.79 -12.10
C LEU C 336 -34.43 -15.83 -13.25
N ARG C 337 -34.15 -14.67 -13.82
CA ARG C 337 -33.17 -14.51 -14.88
C ARG C 337 -32.18 -13.44 -14.45
N TYR C 338 -31.00 -13.87 -14.01
CA TYR C 338 -29.91 -12.97 -13.66
C TYR C 338 -28.60 -13.44 -14.27
N LEU C 339 -28.62 -13.74 -15.57
CA LEU C 339 -27.39 -14.11 -16.28
C LEU C 339 -26.73 -12.90 -16.91
N GLY C 340 -26.58 -11.82 -16.14
CA GLY C 340 -25.89 -10.64 -16.62
C GLY C 340 -24.45 -10.59 -16.14
N LEU C 341 -23.62 -11.51 -16.62
CA LEU C 341 -22.32 -11.75 -16.01
C LEU C 341 -21.49 -10.48 -15.95
N MET C 342 -20.95 -10.22 -14.76
CA MET C 342 -20.15 -9.03 -14.48
C MET C 342 -18.94 -9.44 -13.67
N ARG C 343 -17.79 -8.83 -13.97
CA ARG C 343 -16.52 -9.17 -13.31
C ARG C 343 -16.21 -10.66 -13.47
N CYS C 344 -16.40 -11.19 -14.68
CA CYS C 344 -16.14 -12.59 -15.00
C CYS C 344 -15.03 -12.65 -16.05
N ASP C 345 -13.77 -12.68 -15.59
CA ASP C 345 -12.65 -12.63 -16.52
C ASP C 345 -12.48 -13.93 -17.28
N LYS C 346 -12.51 -15.06 -16.59
CA LYS C 346 -12.22 -16.37 -17.20
C LYS C 346 -13.52 -16.94 -17.77
N VAL C 347 -13.69 -16.77 -19.07
CA VAL C 347 -14.86 -17.30 -19.78
C VAL C 347 -14.49 -17.48 -21.24
N ASN C 348 -15.08 -18.49 -21.87
CA ASN C 348 -14.86 -18.75 -23.28
C ASN C 348 -15.89 -18.00 -24.11
N GLU C 349 -15.93 -18.28 -25.42
CA GLU C 349 -16.86 -17.64 -26.34
C GLU C 349 -17.99 -18.56 -26.75
N VAL C 350 -18.48 -19.38 -25.81
CA VAL C 350 -19.52 -20.34 -26.12
C VAL C 350 -20.90 -19.69 -26.08
N THR C 351 -21.12 -18.78 -25.12
CA THR C 351 -22.42 -18.15 -24.96
C THR C 351 -22.82 -17.41 -26.22
N VAL C 352 -21.93 -16.57 -26.74
CA VAL C 352 -22.21 -15.77 -27.93
C VAL C 352 -22.35 -16.60 -29.19
N GLU C 353 -22.04 -17.90 -29.11
CA GLU C 353 -22.17 -18.80 -30.25
C GLU C 353 -23.31 -19.81 -30.09
N GLN C 354 -23.77 -20.06 -28.87
CA GLN C 354 -24.82 -21.04 -28.61
C GLN C 354 -26.16 -20.43 -28.24
N LEU C 355 -26.17 -19.46 -27.32
CA LEU C 355 -27.45 -18.91 -26.89
C LEU C 355 -28.14 -18.09 -27.97
N VAL C 356 -27.45 -17.76 -29.07
CA VAL C 356 -28.09 -17.05 -30.17
C VAL C 356 -29.17 -17.91 -30.80
N GLN C 357 -28.85 -19.18 -31.06
CA GLN C 357 -29.82 -20.12 -31.60
C GLN C 357 -30.61 -20.84 -30.52
N GLN C 358 -30.08 -20.93 -29.30
CA GLN C 358 -30.86 -21.48 -28.19
C GLN C 358 -32.00 -20.53 -27.81
N TYR C 359 -31.74 -19.22 -27.83
CA TYR C 359 -32.73 -18.19 -27.48
C TYR C 359 -32.78 -17.18 -28.61
N PRO C 360 -33.50 -17.48 -29.70
CA PRO C 360 -33.51 -16.57 -30.85
C PRO C 360 -34.50 -15.42 -30.74
N HIS C 361 -35.50 -15.51 -29.86
CA HIS C 361 -36.55 -14.51 -29.77
C HIS C 361 -36.34 -13.53 -28.62
N ILE C 362 -35.13 -13.45 -28.06
CA ILE C 362 -34.83 -12.60 -26.92
C ILE C 362 -33.71 -11.65 -27.31
N THR C 363 -33.90 -10.36 -27.03
CA THR C 363 -32.89 -9.34 -27.27
C THR C 363 -32.03 -9.05 -26.06
N PHE C 364 -32.26 -9.74 -24.93
CA PHE C 364 -31.45 -9.65 -23.72
C PHE C 364 -31.43 -8.27 -23.08
N SER C 365 -30.82 -8.17 -21.90
CA SER C 365 -30.81 -6.94 -21.12
C SER C 365 -29.48 -6.65 -20.44
N THR C 366 -28.44 -7.44 -20.69
CA THR C 366 -27.14 -7.21 -20.10
C THR C 366 -26.40 -6.08 -20.80
N VAL C 367 -25.43 -5.50 -20.09
CA VAL C 367 -24.52 -4.56 -20.70
C VAL C 367 -23.69 -5.23 -21.78
N LEU C 368 -23.50 -6.55 -21.68
CA LEU C 368 -22.73 -7.27 -22.68
C LEU C 368 -23.39 -7.21 -24.04
N GLN C 369 -24.70 -7.43 -24.10
CA GLN C 369 -25.39 -7.61 -25.37
C GLN C 369 -25.99 -6.32 -25.89
N ASP C 370 -26.09 -5.29 -25.06
CA ASP C 370 -26.79 -4.06 -25.43
C ASP C 370 -25.97 -3.30 -26.46
N CYS C 371 -26.11 -3.70 -27.72
CA CYS C 371 -25.42 -3.09 -28.84
C CYS C 371 -26.35 -2.36 -29.79
N LYS C 372 -27.67 -2.49 -29.62
CA LYS C 372 -28.63 -1.95 -30.57
C LYS C 372 -29.19 -0.59 -30.12
N ARG C 373 -29.85 -0.56 -28.97
CA ARG C 373 -30.39 0.70 -28.46
C ARG C 373 -29.29 1.65 -28.04
N THR C 374 -28.24 1.11 -27.40
CA THR C 374 -27.24 1.94 -26.74
C THR C 374 -26.58 2.91 -27.72
N LEU C 375 -26.40 2.49 -28.98
CA LEU C 375 -25.84 3.40 -29.98
C LEU C 375 -26.73 4.61 -30.20
N GLU C 376 -28.03 4.47 -29.95
CA GLU C 376 -28.93 5.62 -29.98
C GLU C 376 -29.05 6.22 -28.59
N HIS D 10 -11.26 -12.50 -25.32
CA HIS D 10 -11.29 -12.40 -23.86
C HIS D 10 -12.23 -11.29 -23.39
N SER D 11 -12.61 -11.34 -22.11
CA SER D 11 -13.41 -10.29 -21.53
C SER D 11 -12.66 -8.96 -21.47
N THR D 12 -11.32 -9.00 -21.52
CA THR D 12 -10.55 -7.77 -21.64
C THR D 12 -10.83 -7.08 -22.96
N ASN D 13 -11.15 -7.84 -24.00
CA ASN D 13 -11.63 -7.24 -25.23
C ASN D 13 -12.94 -6.49 -24.97
N VAL D 14 -13.82 -7.07 -24.16
CA VAL D 14 -15.04 -6.37 -23.77
C VAL D 14 -14.70 -5.09 -23.04
N LEU D 15 -13.74 -5.16 -22.11
CA LEU D 15 -13.37 -3.98 -21.33
C LEU D 15 -12.80 -2.89 -22.23
N LEU D 16 -11.93 -3.26 -23.17
CA LEU D 16 -11.34 -2.26 -24.06
C LEU D 16 -12.39 -1.66 -24.98
N SER D 17 -13.31 -2.48 -25.48
CA SER D 17 -14.38 -1.95 -26.31
C SER D 17 -15.25 -0.98 -25.52
N LEU D 18 -15.58 -1.33 -24.28
CA LEU D 18 -16.34 -0.42 -23.44
C LEU D 18 -15.58 0.86 -23.17
N ASN D 19 -14.25 0.74 -23.00
CA ASN D 19 -13.43 1.92 -22.76
C ASN D 19 -13.46 2.86 -23.96
N ASP D 20 -13.30 2.30 -25.16
CA ASP D 20 -13.32 3.14 -26.35
C ASP D 20 -14.69 3.77 -26.54
N GLN D 21 -15.76 3.02 -26.26
CA GLN D 21 -17.09 3.60 -26.33
C GLN D 21 -17.26 4.72 -25.32
N ARG D 22 -16.69 4.55 -24.13
CA ARG D 22 -16.75 5.59 -23.12
C ARG D 22 -16.04 6.84 -23.61
N LYS D 23 -14.90 6.67 -24.26
CA LYS D 23 -14.12 7.82 -24.71
C LYS D 23 -14.65 8.32 -26.05
N LYS D 24 -15.98 8.48 -26.12
CA LYS D 24 -16.66 9.19 -27.18
C LYS D 24 -17.79 10.06 -26.66
N ASP D 25 -18.07 10.04 -25.36
CA ASP D 25 -19.24 10.68 -24.77
C ASP D 25 -20.54 10.16 -25.40
N VAL D 26 -20.64 8.83 -25.52
CA VAL D 26 -21.87 8.19 -25.97
C VAL D 26 -21.89 6.77 -25.41
N LEU D 27 -23.11 6.27 -25.16
CA LEU D 27 -23.34 5.00 -24.48
C LEU D 27 -22.87 5.05 -23.03
N CYS D 28 -22.72 6.26 -22.48
CA CYS D 28 -22.29 6.46 -21.11
C CYS D 28 -23.52 6.57 -20.22
N ASP D 29 -23.49 5.86 -19.09
CA ASP D 29 -24.68 5.63 -18.29
C ASP D 29 -24.63 6.36 -16.96
N VAL D 30 -23.48 6.35 -16.28
CA VAL D 30 -23.31 6.96 -14.96
C VAL D 30 -22.38 8.16 -15.10
N THR D 31 -22.81 9.31 -14.57
CA THR D 31 -22.04 10.53 -14.72
C THR D 31 -21.54 11.02 -13.37
N ILE D 32 -20.22 11.24 -13.28
CA ILE D 32 -19.57 11.68 -12.04
C ILE D 32 -19.37 13.18 -12.13
N PHE D 33 -19.62 13.88 -11.03
CA PHE D 33 -19.52 15.34 -11.02
C PHE D 33 -18.53 15.77 -9.94
N VAL D 34 -17.48 16.50 -10.35
CA VAL D 34 -16.46 16.99 -9.43
C VAL D 34 -16.29 18.49 -9.66
N GLU D 35 -16.84 19.29 -8.74
CA GLU D 35 -16.85 20.76 -8.73
C GLU D 35 -17.17 21.37 -10.10
N GLY D 36 -17.93 20.64 -10.91
CA GLY D 36 -18.33 21.11 -12.23
C GLY D 36 -17.92 20.20 -13.37
N GLN D 37 -16.73 19.60 -13.28
CA GLN D 37 -16.31 18.63 -14.28
C GLN D 37 -17.24 17.44 -14.27
N ARG D 38 -17.67 17.02 -15.46
CA ARG D 38 -18.47 15.81 -15.62
C ARG D 38 -17.62 14.75 -16.30
N PHE D 39 -17.49 13.61 -15.65
CA PHE D 39 -16.75 12.47 -16.20
C PHE D 39 -17.75 11.35 -16.40
N ARG D 40 -17.98 10.98 -17.66
CA ARG D 40 -19.00 10.00 -18.01
C ARG D 40 -18.40 8.60 -18.01
N ALA D 41 -19.23 7.62 -17.64
CA ALA D 41 -18.80 6.23 -17.64
C ALA D 41 -20.06 5.38 -17.64
N HIS D 42 -19.90 4.11 -17.32
CA HIS D 42 -20.99 3.17 -17.44
C HIS D 42 -21.61 2.88 -16.08
N ARG D 43 -22.52 1.90 -16.04
CA ARG D 43 -23.25 1.53 -14.84
C ARG D 43 -22.67 0.31 -14.13
N SER D 44 -22.27 -0.71 -14.88
CA SER D 44 -21.78 -1.93 -14.26
C SER D 44 -20.37 -1.76 -13.71
N VAL D 45 -19.49 -1.09 -14.45
CA VAL D 45 -18.07 -1.13 -14.13
C VAL D 45 -17.76 -0.36 -12.85
N LEU D 46 -18.31 0.84 -12.71
CA LEU D 46 -18.08 1.56 -11.45
C LEU D 46 -18.68 0.82 -10.27
N ALA D 47 -19.73 0.04 -10.49
CA ALA D 47 -20.22 -0.83 -9.44
C ALA D 47 -19.19 -1.89 -9.09
N ALA D 48 -18.49 -2.42 -10.09
CA ALA D 48 -17.48 -3.41 -9.81
C ALA D 48 -16.22 -2.82 -9.18
N CYS D 49 -15.96 -1.53 -9.41
CA CYS D 49 -14.68 -0.96 -9.01
C CYS D 49 -14.68 -0.47 -7.56
N SER D 50 -15.45 0.58 -7.27
CA SER D 50 -15.33 1.32 -6.02
C SER D 50 -16.58 1.09 -5.18
N SER D 51 -16.38 0.54 -3.99
CA SER D 51 -17.49 0.17 -3.13
C SER D 51 -18.30 1.36 -2.66
N TYR D 52 -17.75 2.56 -2.69
CA TYR D 52 -18.57 3.72 -2.40
C TYR D 52 -19.63 3.92 -3.48
N PHE D 53 -19.34 3.51 -4.72
CA PHE D 53 -20.24 3.78 -5.84
C PHE D 53 -21.38 2.77 -5.92
N HIS D 54 -21.11 1.49 -5.67
CA HIS D 54 -22.20 0.52 -5.67
C HIS D 54 -23.28 0.91 -4.69
N SER D 55 -22.89 1.52 -3.58
CA SER D 55 -23.86 1.99 -2.60
C SER D 55 -24.85 2.95 -3.25
N ARG D 56 -24.37 3.96 -3.95
CA ARG D 56 -25.29 4.93 -4.50
C ARG D 56 -25.94 4.45 -5.79
N ILE D 57 -25.45 3.37 -6.39
CA ILE D 57 -25.99 2.93 -7.67
C ILE D 57 -27.10 1.91 -7.50
N VAL D 58 -26.85 0.81 -6.78
CA VAL D 58 -27.76 -0.34 -6.86
C VAL D 58 -29.15 0.01 -6.36
N GLY D 59 -29.29 1.08 -5.58
CA GLY D 59 -30.58 1.43 -5.05
C GLY D 59 -31.51 2.13 -6.02
N GLN D 60 -31.11 2.31 -7.27
CA GLN D 60 -31.96 3.00 -8.22
C GLN D 60 -31.97 2.22 -9.53
N ALA D 61 -33.03 2.43 -10.31
CA ALA D 61 -33.13 1.91 -11.67
C ALA D 61 -33.44 3.02 -12.66
N ASP D 62 -33.01 4.24 -12.36
CA ASP D 62 -33.33 5.41 -13.16
C ASP D 62 -32.63 5.33 -14.52
N GLY D 63 -32.83 6.38 -15.32
CA GLY D 63 -32.15 6.49 -16.59
C GLY D 63 -30.77 7.11 -16.50
N GLU D 64 -30.73 8.40 -16.16
CA GLU D 64 -29.48 9.14 -16.07
C GLU D 64 -29.16 9.43 -14.61
N LEU D 65 -27.95 9.08 -14.19
CA LEU D 65 -27.52 9.14 -12.81
C LEU D 65 -26.52 10.27 -12.63
N ASN D 66 -26.46 10.79 -11.40
CA ASN D 66 -25.63 11.96 -11.10
C ASN D 66 -25.01 11.77 -9.73
N ILE D 67 -23.80 11.21 -9.68
CA ILE D 67 -23.13 10.89 -8.43
C ILE D 67 -22.03 11.90 -8.19
N THR D 68 -22.04 12.51 -7.01
CA THR D 68 -21.04 13.50 -6.64
C THR D 68 -20.12 12.89 -5.58
N LEU D 69 -18.90 13.38 -5.53
CA LEU D 69 -17.88 12.80 -4.66
C LEU D 69 -17.44 13.82 -3.62
N PRO D 70 -17.02 13.39 -2.45
CA PRO D 70 -16.60 14.35 -1.42
C PRO D 70 -15.31 15.05 -1.82
N GLU D 71 -15.08 16.19 -1.17
CA GLU D 71 -13.83 16.91 -1.36
C GLU D 71 -12.62 16.06 -1.01
N GLU D 72 -12.83 15.03 -0.18
CA GLU D 72 -11.73 14.17 0.24
C GLU D 72 -11.08 13.49 -0.96
N VAL D 73 -11.87 13.10 -1.95
CA VAL D 73 -11.33 12.54 -3.18
C VAL D 73 -10.94 13.67 -4.11
N THR D 74 -9.69 13.66 -4.58
CA THR D 74 -9.15 14.72 -5.41
C THR D 74 -9.21 14.33 -6.88
N VAL D 75 -9.42 15.33 -7.73
CA VAL D 75 -9.48 15.07 -9.16
C VAL D 75 -8.16 14.50 -9.68
N LYS D 76 -7.05 15.11 -9.29
CA LYS D 76 -5.74 14.79 -9.88
C LYS D 76 -5.43 13.31 -9.75
N GLY D 77 -5.69 12.72 -8.58
CA GLY D 77 -5.61 11.27 -8.50
C GLY D 77 -6.81 10.59 -9.08
N PHE D 78 -7.91 11.31 -9.29
CA PHE D 78 -9.14 10.64 -9.69
C PHE D 78 -9.09 10.17 -11.12
N GLU D 79 -8.53 10.97 -12.04
CA GLU D 79 -8.53 10.51 -13.43
C GLU D 79 -7.85 9.16 -13.60
N PRO D 80 -6.66 8.90 -13.04
CA PRO D 80 -6.07 7.56 -13.21
C PRO D 80 -6.81 6.47 -12.48
N LEU D 81 -7.66 6.80 -11.50
CA LEU D 81 -8.42 5.75 -10.83
C LEU D 81 -9.32 5.03 -11.81
N ILE D 82 -10.06 5.78 -12.63
CA ILE D 82 -10.95 5.15 -13.60
C ILE D 82 -10.14 4.42 -14.65
N GLN D 83 -8.99 4.98 -15.02
CA GLN D 83 -8.13 4.31 -15.99
C GLN D 83 -7.65 2.96 -15.48
N PHE D 84 -7.28 2.89 -14.20
CA PHE D 84 -6.84 1.62 -13.64
C PHE D 84 -8.01 0.68 -13.42
N ALA D 85 -9.21 1.24 -13.21
CA ALA D 85 -10.41 0.41 -13.19
C ALA D 85 -10.65 -0.23 -14.54
N TYR D 86 -10.40 0.52 -15.62
CA TYR D 86 -10.69 0.02 -16.96
C TYR D 86 -9.60 -0.90 -17.48
N THR D 87 -8.38 -0.38 -17.64
CA THR D 87 -7.29 -1.10 -18.27
C THR D 87 -6.18 -1.54 -17.32
N ALA D 88 -6.32 -1.28 -16.03
CA ALA D 88 -5.35 -1.74 -15.01
C ALA D 88 -3.94 -1.23 -15.29
N LYS D 89 -3.82 -0.04 -15.86
CA LYS D 89 -2.53 0.60 -16.09
C LYS D 89 -2.59 2.03 -15.56
N LEU D 90 -1.54 2.44 -14.85
CA LEU D 90 -1.49 3.75 -14.23
C LEU D 90 -0.27 4.53 -14.70
N ILE D 91 -0.41 5.84 -14.70
CA ILE D 91 0.68 6.77 -14.91
C ILE D 91 0.74 7.67 -13.68
N LEU D 92 1.91 7.82 -13.08
CA LEU D 92 2.03 8.64 -11.89
C LEU D 92 3.50 8.92 -11.60
N SER D 93 3.76 10.12 -11.11
CA SER D 93 5.08 10.55 -10.70
C SER D 93 5.07 10.81 -9.20
N LYS D 94 6.20 11.32 -8.69
CA LYS D 94 6.42 11.32 -7.26
C LYS D 94 5.73 12.47 -6.53
N GLU D 95 5.24 13.49 -7.25
CA GLU D 95 4.66 14.63 -6.54
C GLU D 95 3.25 14.34 -6.04
N ASN D 96 2.48 13.51 -6.74
CA ASN D 96 1.09 13.21 -6.38
C ASN D 96 0.98 11.74 -6.03
N VAL D 97 1.31 11.39 -4.79
CA VAL D 97 1.31 10.01 -4.35
C VAL D 97 0.50 9.86 -3.07
N ASP D 98 0.70 10.79 -2.13
CA ASP D 98 0.20 10.61 -0.77
C ASP D 98 -1.30 10.42 -0.73
N GLU D 99 -2.05 11.23 -1.48
CA GLU D 99 -3.50 11.05 -1.45
C GLU D 99 -3.95 9.83 -2.21
N VAL D 100 -3.03 8.95 -2.58
CA VAL D 100 -3.37 7.68 -3.19
C VAL D 100 -2.74 6.48 -2.46
N CYS D 101 -1.81 6.71 -1.52
CA CYS D 101 -1.09 5.62 -0.88
C CYS D 101 -1.95 4.75 0.00
N LYS D 102 -2.73 3.86 -0.60
CA LYS D 102 -3.53 2.89 0.12
C LYS D 102 -3.44 1.47 -0.41
N CYS D 103 -3.07 1.29 -1.68
CA CYS D 103 -2.72 0.01 -2.31
C CYS D 103 -3.82 -1.04 -2.23
N VAL D 104 -4.96 -0.66 -1.66
CA VAL D 104 -6.19 -1.43 -1.76
C VAL D 104 -7.26 -0.46 -2.23
N GLU D 105 -6.84 0.51 -3.04
CA GLU D 105 -7.66 1.62 -3.50
C GLU D 105 -8.03 2.51 -2.32
N PHE D 106 -8.94 2.02 -1.48
CA PHE D 106 -9.43 2.77 -0.32
C PHE D 106 -9.77 4.20 -0.72
N LEU D 107 -9.15 5.17 -0.05
CA LEU D 107 -9.12 6.55 -0.50
C LEU D 107 -10.50 7.20 -0.46
N SER D 108 -11.55 6.42 -0.22
CA SER D 108 -12.92 6.91 -0.39
C SER D 108 -13.62 7.11 0.95
N VAL D 109 -13.71 6.06 1.76
CA VAL D 109 -14.30 6.18 3.08
C VAL D 109 -13.30 5.74 4.15
N HIS D 110 -12.76 4.52 4.07
CA HIS D 110 -12.97 3.34 3.23
C HIS D 110 -12.89 2.09 4.10
N ASN D 111 -13.52 2.15 5.27
CA ASN D 111 -13.41 1.08 6.26
C ASN D 111 -14.05 -0.20 5.72
N ILE D 112 -13.22 -1.16 5.35
CA ILE D 112 -13.71 -2.46 4.89
C ILE D 112 -13.50 -3.50 5.96
#